data_6NPZ
#
_entry.id   6NPZ
#
_cell.length_a   86.321
_cell.length_b   56.088
_cell.length_c   92.019
_cell.angle_alpha   90.000
_cell.angle_beta   104.560
_cell.angle_gamma   90.000
#
_symmetry.space_group_name_H-M   'P 1 21 1'
#
loop_
_entity.id
_entity.type
_entity.pdbx_description
1 polymer 'RAC-alpha serine/threonine-protein kinase'
2 polymer bisubstrate
3 non-polymer 'MANGANESE (II) ION'
4 non-polymer 'TRIETHYLENE GLYCOL'
5 non-polymer GLYCEROL
6 non-polymer 'VANADATE ION'
7 water water
#
loop_
_entity_poly.entity_id
_entity_poly.type
_entity_poly.pdbx_seq_one_letter_code
_entity_poly.pdbx_strand_id
1 'polypeptide(L)'
;GSPSDNSGAEEMEVSLAKPKHRVTMNEFEYLKLLGKGTFGKVILVKEKATGRYYAMKILKKEVIVAKDEVAHTLTENRVL
QNSRHPFLTALKYSFQTHDRLCFVMEYANGGELFFHLSRERVFSEDRARFYGAEIVSALDYLHSEKNVVYRDLKLENLML
DKDGHIKITDFGLCKEGIKDGATMK(TPO)FCGTPEYLAPEVLEDNDYGRAVDWWGLGVVMYEMMCGRLPFYNQDHEKLF
ELILMEEIRFPRTLGPEAKSLLSGLLKKDPKQRLGGGSEDAKEIMQHRFFAGIVWQHVYEKKLSPPFKPQVTSETDTRYF
DEEFTAQMITITPPDQDDSMECVDSERRPHFPQF(SEP)YSA(SEP)GTA
;
A,B
2 'polypeptide(L)' GRPRTT(ZXW)FAE F,G
#
loop_
_chem_comp.id
_chem_comp.type
_chem_comp.name
_chem_comp.formula
GOL non-polymer GLYCEROL 'C3 H8 O3'
MN non-polymer 'MANGANESE (II) ION' 'Mn 2'
PGE non-polymer 'TRIETHYLENE GLYCOL' 'C6 H14 O4'
VO4 non-polymer 'VANADATE ION' 'O4 V -3'
ZXW non-polymer 5'-O-[(S)-{[(R)-{[(R)-[(2-{[(2S)-2-amino-3-oxopropyl]amino}-2-oxoethyl)sulfanyl](hydroxy)phosphoryl]oxy}(hydroxy)phosphoryl]oxy}(hydroxy)phosphoryl]adenosine 'C15 H24 N7 O15 P3 S'
#
# COMPACT_ATOMS: atom_id res chain seq x y z
N LYS A 20 10.28 2.34 26.39
CA LYS A 20 11.47 2.14 27.23
C LYS A 20 11.48 0.71 27.78
N HIS A 21 12.09 -0.24 27.06
CA HIS A 21 12.41 -1.61 27.57
C HIS A 21 13.91 -1.88 27.39
N ARG A 22 14.68 -1.59 28.44
CA ARG A 22 16.11 -1.96 28.56
C ARG A 22 16.22 -3.48 28.69
N VAL A 23 17.17 -4.07 27.96
CA VAL A 23 17.42 -5.55 27.95
C VAL A 23 18.91 -5.84 28.14
N THR A 24 19.20 -7.07 28.53
CA THR A 24 20.53 -7.56 28.92
C THR A 24 20.73 -8.91 28.26
N MET A 25 21.95 -9.45 28.34
CA MET A 25 22.25 -10.81 27.85
C MET A 25 21.54 -11.89 28.67
N ASN A 26 21.21 -11.59 29.93
CA ASN A 26 20.47 -12.48 30.85
C ASN A 26 19.05 -12.75 30.38
N GLU A 27 18.42 -11.87 29.61
CA GLU A 27 17.01 -12.06 29.16
C GLU A 27 16.91 -13.07 28.00
N PHE A 28 18.00 -13.77 27.66
CA PHE A 28 18.01 -14.71 26.49
C PHE A 28 18.69 -16.02 26.89
N GLU A 29 18.19 -17.15 26.38
CA GLU A 29 18.98 -18.40 26.31
C GLU A 29 19.70 -18.44 24.96
N TYR A 30 20.88 -19.03 24.91
CA TYR A 30 21.77 -19.09 23.72
C TYR A 30 21.81 -20.51 23.19
N LEU A 31 21.07 -20.79 22.10
CA LEU A 31 20.74 -22.16 21.66
C LEU A 31 21.73 -22.70 20.62
N LYS A 32 22.15 -21.92 19.62
CA LYS A 32 22.94 -22.50 18.51
C LYS A 32 23.65 -21.42 17.73
N LEU A 33 24.88 -21.69 17.33
CA LEU A 33 25.64 -20.80 16.44
C LEU A 33 25.06 -20.94 15.03
N LEU A 34 24.47 -19.87 14.47
CA LEU A 34 23.92 -19.85 13.09
C LEU A 34 25.05 -19.55 12.10
N GLY A 35 26.03 -18.75 12.52
CA GLY A 35 27.11 -18.39 11.60
C GLY A 35 28.13 -17.46 12.24
N LYS A 36 29.39 -17.64 11.87
CA LYS A 36 30.52 -16.79 12.31
C LYS A 36 30.71 -15.71 11.24
N GLY A 37 30.48 -14.46 11.63
CA GLY A 37 30.68 -13.31 10.73
C GLY A 37 32.14 -12.89 10.72
N THR A 38 32.46 -11.79 10.06
CA THR A 38 33.87 -11.32 10.00
C THR A 38 34.24 -10.71 11.36
N PHE A 39 33.32 -10.01 12.03
CA PHE A 39 33.62 -9.13 13.19
C PHE A 39 32.85 -9.57 14.44
N GLY A 40 32.24 -10.75 14.36
CA GLY A 40 31.43 -11.30 15.43
C GLY A 40 30.72 -12.53 14.94
N LYS A 41 29.67 -12.91 15.63
CA LYS A 41 28.93 -14.16 15.38
C LYS A 41 27.42 -13.92 15.53
N VAL A 42 26.66 -14.87 15.01
CA VAL A 42 25.18 -14.81 15.00
C VAL A 42 24.68 -16.08 15.65
N ILE A 43 23.85 -15.92 16.66
CA ILE A 43 23.43 -17.03 17.54
C ILE A 43 21.91 -17.09 17.59
N LEU A 44 21.39 -18.31 17.41
CA LEU A 44 19.95 -18.53 17.58
C LEU A 44 19.71 -18.42 19.09
N VAL A 45 18.88 -17.46 19.49
CA VAL A 45 18.54 -17.23 20.92
C VAL A 45 17.04 -17.32 21.14
N LYS A 46 16.66 -17.54 22.41
CA LYS A 46 15.25 -17.57 22.84
C LYS A 46 15.09 -16.51 23.91
N GLU A 47 14.14 -15.59 23.74
CA GLU A 47 13.81 -14.57 24.77
C GLU A 47 13.01 -15.27 25.89
N LYS A 48 13.59 -15.37 27.08
CA LYS A 48 12.99 -16.02 28.30
C LYS A 48 11.60 -15.48 28.59
N ALA A 49 11.43 -14.18 28.55
CA ALA A 49 10.16 -13.58 28.98
C ALA A 49 9.04 -13.98 28.02
N THR A 50 9.30 -14.25 26.73
CA THR A 50 8.21 -14.34 25.71
C THR A 50 8.18 -15.68 24.99
N GLY A 51 9.22 -16.49 25.12
CA GLY A 51 9.35 -17.74 24.37
C GLY A 51 9.81 -17.54 22.92
N ARG A 52 9.90 -16.31 22.43
CA ARG A 52 10.14 -16.02 20.98
C ARG A 52 11.63 -16.20 20.63
N TYR A 53 11.90 -16.68 19.42
CA TYR A 53 13.28 -16.90 18.97
C TYR A 53 13.73 -15.74 18.13
N TYR A 54 15.01 -15.50 18.15
CA TYR A 54 15.63 -14.44 17.39
C TYR A 54 16.99 -14.91 16.96
N ALA A 55 17.59 -14.16 16.05
CA ALA A 55 19.01 -14.28 15.71
C ALA A 55 19.71 -13.11 16.39
N MET A 56 20.65 -13.37 17.28
CA MET A 56 21.39 -12.28 17.93
C MET A 56 22.76 -12.17 17.28
N LYS A 57 23.05 -10.98 16.80
CA LYS A 57 24.40 -10.66 16.27
C LYS A 57 25.15 -9.99 17.41
N ILE A 58 26.28 -10.60 17.79
CA ILE A 58 27.15 -10.17 18.92
C ILE A 58 28.53 -9.78 18.39
N LEU A 59 28.90 -8.52 18.57
CA LEU A 59 30.22 -7.99 18.15
C LEU A 59 30.98 -7.55 19.37
N LYS A 60 32.26 -7.88 19.44
CA LYS A 60 33.19 -7.37 20.46
C LYS A 60 33.56 -5.93 20.09
N LYS A 61 33.32 -4.98 20.99
CA LYS A 61 33.70 -3.57 20.77
C LYS A 61 35.17 -3.42 20.36
N GLU A 62 36.08 -4.17 21.00
CA GLU A 62 37.54 -4.12 20.75
C GLU A 62 37.74 -4.28 19.25
N VAL A 63 37.06 -5.29 18.68
CA VAL A 63 37.17 -5.71 17.24
C VAL A 63 36.63 -4.61 16.34
N ILE A 64 35.40 -4.19 16.55
CA ILE A 64 34.76 -3.10 15.77
C ILE A 64 35.72 -1.91 15.66
N VAL A 65 36.31 -1.50 16.79
CA VAL A 65 37.12 -0.25 16.84
C VAL A 65 38.43 -0.52 16.09
N ALA A 66 39.07 -1.65 16.35
CA ALA A 66 40.38 -2.01 15.75
C ALA A 66 40.28 -2.17 14.21
N LYS A 67 39.21 -2.80 13.70
CA LYS A 67 38.96 -3.00 12.24
C LYS A 67 38.24 -1.79 11.64
N ASP A 68 37.98 -0.72 12.40
CA ASP A 68 37.32 0.51 11.86
C ASP A 68 35.93 0.16 11.32
N GLU A 69 35.15 -0.60 12.07
CA GLU A 69 33.82 -1.02 11.59
C GLU A 69 32.72 -0.21 12.26
N VAL A 70 33.11 0.81 13.02
CA VAL A 70 32.17 1.53 13.92
C VAL A 70 31.10 2.19 13.06
N ALA A 71 31.50 2.87 11.98
CA ALA A 71 30.58 3.65 11.16
C ALA A 71 29.58 2.67 10.53
N HIS A 72 30.04 1.49 10.13
CA HIS A 72 29.15 0.53 9.40
C HIS A 72 28.16 -0.08 10.39
N THR A 73 28.63 -0.37 11.60
CA THR A 73 27.84 -0.86 12.76
C THR A 73 26.75 0.17 13.09
N LEU A 74 27.09 1.46 13.16
CA LEU A 74 26.09 2.48 13.55
C LEU A 74 25.09 2.66 12.40
N THR A 75 25.53 2.64 11.14
CA THR A 75 24.61 2.73 9.98
C THR A 75 23.57 1.60 10.04
N GLU A 76 24.04 0.40 10.34
CA GLU A 76 23.19 -0.80 10.36
C GLU A 76 22.15 -0.61 11.47
N ASN A 77 22.59 -0.11 12.62
CA ASN A 77 21.68 0.15 13.78
C ASN A 77 20.60 1.13 13.32
N ARG A 78 21.01 2.24 12.71
CA ARG A 78 20.11 3.33 12.29
C ARG A 78 19.16 2.82 11.22
N VAL A 79 19.67 2.19 10.14
CA VAL A 79 18.72 1.73 9.07
C VAL A 79 17.70 0.71 9.62
N LEU A 80 18.12 -0.21 10.47
CA LEU A 80 17.25 -1.27 11.05
C LEU A 80 16.18 -0.59 11.94
N GLN A 81 16.55 0.45 12.69
CA GLN A 81 15.58 1.17 13.58
C GLN A 81 14.55 1.93 12.74
N ASN A 82 15.02 2.56 11.68
CA ASN A 82 14.17 3.42 10.84
C ASN A 82 13.50 2.60 9.73
N SER A 83 13.47 1.26 9.76
CA SER A 83 12.80 0.52 8.65
C SER A 83 11.81 -0.50 9.18
N ARG A 84 10.69 -0.62 8.49
CA ARG A 84 9.65 -1.65 8.74
C ARG A 84 9.10 -2.12 7.39
N HIS A 85 9.27 -3.39 7.04
CA HIS A 85 8.80 -3.89 5.74
C HIS A 85 8.81 -5.38 5.90
N PRO A 86 7.82 -6.06 5.30
CA PRO A 86 7.79 -7.52 5.45
C PRO A 86 8.99 -8.27 4.85
N PHE A 87 9.75 -7.69 3.91
CA PHE A 87 10.93 -8.41 3.31
C PHE A 87 12.26 -7.78 3.74
N LEU A 88 12.24 -6.93 4.78
CA LEU A 88 13.46 -6.48 5.52
C LEU A 88 13.52 -7.17 6.88
N THR A 89 14.66 -7.74 7.24
CA THR A 89 14.83 -8.26 8.63
C THR A 89 14.55 -7.17 9.69
N ALA A 90 13.63 -7.44 10.60
CA ALA A 90 13.23 -6.52 11.71
C ALA A 90 14.23 -6.56 12.86
N LEU A 91 14.55 -5.40 13.39
CA LEU A 91 15.34 -5.34 14.66
C LEU A 91 14.39 -5.26 15.87
N LYS A 92 14.50 -6.20 16.79
CA LYS A 92 13.62 -6.22 17.99
C LYS A 92 14.28 -5.38 19.06
N TYR A 93 15.56 -5.64 19.34
CA TYR A 93 16.36 -4.85 20.29
C TYR A 93 17.78 -4.62 19.76
N SER A 94 18.36 -3.51 20.15
CA SER A 94 19.84 -3.34 20.18
C SER A 94 20.21 -2.85 21.57
N PHE A 95 21.28 -3.39 22.10
CA PHE A 95 21.83 -2.95 23.43
C PHE A 95 23.32 -3.20 23.43
N GLN A 96 23.99 -2.67 24.44
CA GLN A 96 25.45 -2.84 24.58
C GLN A 96 25.74 -3.29 26.00
N THR A 97 26.89 -3.93 26.15
CA THR A 97 27.54 -4.24 27.43
C THR A 97 28.85 -3.44 27.50
N HIS A 98 29.63 -3.62 28.55
CA HIS A 98 30.97 -2.99 28.66
C HIS A 98 31.80 -3.55 27.51
N ASP A 99 31.55 -4.83 27.26
CA ASP A 99 32.25 -5.79 26.37
C ASP A 99 31.82 -5.59 24.90
N ARG A 100 30.49 -5.55 24.64
CA ARG A 100 29.94 -5.98 23.32
C ARG A 100 28.76 -5.15 22.83
N LEU A 101 28.55 -5.17 21.50
CA LEU A 101 27.32 -4.63 20.86
C LEU A 101 26.45 -5.80 20.40
N CYS A 102 25.12 -5.68 20.57
CA CYS A 102 24.15 -6.79 20.35
C CYS A 102 22.97 -6.30 19.53
N PHE A 103 22.68 -7.01 18.45
CA PHE A 103 21.46 -6.81 17.68
C PHE A 103 20.59 -8.05 17.78
N VAL A 104 19.40 -7.92 18.32
CA VAL A 104 18.41 -9.01 18.37
C VAL A 104 17.46 -8.80 17.20
N MET A 105 17.54 -9.70 16.24
CA MET A 105 16.90 -9.57 14.92
C MET A 105 15.90 -10.71 14.73
N GLU A 106 14.99 -10.49 13.80
CA GLU A 106 14.03 -11.50 13.28
C GLU A 106 14.84 -12.66 12.71
N TYR A 107 14.60 -13.85 13.20
CA TYR A 107 15.34 -15.07 12.80
C TYR A 107 14.74 -15.56 11.47
N ALA A 108 15.59 -15.72 10.47
CA ALA A 108 15.17 -16.27 9.15
C ALA A 108 15.52 -17.77 9.14
N ASN A 109 14.54 -18.61 9.38
CA ASN A 109 14.76 -20.07 9.58
C ASN A 109 15.20 -20.71 8.29
N GLY A 110 14.88 -20.08 7.14
CA GLY A 110 15.08 -20.62 5.79
C GLY A 110 16.53 -20.60 5.31
N GLY A 111 17.40 -19.96 6.07
CA GLY A 111 18.81 -19.72 5.64
C GLY A 111 18.92 -18.86 4.38
N GLU A 112 20.13 -18.79 3.83
CA GLU A 112 20.47 -17.87 2.69
C GLU A 112 20.04 -18.47 1.35
N LEU A 113 19.48 -17.67 0.43
CA LEU A 113 19.27 -18.15 -0.93
C LEU A 113 20.59 -18.69 -1.50
N PHE A 114 21.73 -18.20 -1.05
CA PHE A 114 23.04 -18.76 -1.49
C PHE A 114 23.08 -20.28 -1.22
N PHE A 115 22.67 -20.75 -0.04
CA PHE A 115 22.58 -22.20 0.35
C PHE A 115 21.74 -22.93 -0.70
N HIS A 116 20.56 -22.38 -0.98
CA HIS A 116 19.55 -23.05 -1.83
C HIS A 116 20.00 -23.13 -3.29
N LEU A 117 20.53 -22.03 -3.79
CA LEU A 117 21.00 -22.00 -5.19
C LEU A 117 22.25 -22.88 -5.35
N SER A 118 23.10 -23.03 -4.34
CA SER A 118 24.20 -24.02 -4.35
C SER A 118 23.66 -25.44 -4.50
N ARG A 119 22.55 -25.80 -3.87
CA ARG A 119 22.01 -27.18 -3.91
C ARG A 119 21.31 -27.39 -5.26
N GLU A 120 20.48 -26.44 -5.71
CA GLU A 120 19.55 -26.63 -6.86
C GLU A 120 20.20 -26.20 -8.18
N ARG A 121 21.27 -25.42 -8.19
CA ARG A 121 21.88 -24.97 -9.48
C ARG A 121 21.09 -23.80 -10.14
N VAL A 122 19.82 -23.97 -10.49
CA VAL A 122 18.94 -22.91 -11.06
C VAL A 122 17.59 -22.95 -10.37
N PHE A 123 16.93 -21.82 -10.40
CA PHE A 123 15.49 -21.69 -10.07
C PHE A 123 14.74 -21.51 -11.38
N SER A 124 13.49 -21.99 -11.40
CA SER A 124 12.54 -21.74 -12.50
C SER A 124 12.33 -20.22 -12.60
N GLU A 125 11.88 -19.76 -13.74
CA GLU A 125 11.58 -18.33 -13.96
C GLU A 125 10.48 -17.91 -13.00
N ASP A 126 9.48 -18.74 -12.82
CA ASP A 126 8.40 -18.45 -11.84
C ASP A 126 8.97 -18.32 -10.44
N ARG A 127 9.86 -19.17 -10.02
CA ARG A 127 10.43 -19.02 -8.64
C ARG A 127 11.30 -17.74 -8.53
N ALA A 128 12.06 -17.40 -9.58
CA ALA A 128 12.88 -16.17 -9.57
C ALA A 128 11.97 -14.92 -9.59
N ARG A 129 10.84 -14.96 -10.29
CA ARG A 129 9.85 -13.87 -10.36
CA ARG A 129 9.84 -13.87 -10.36
C ARG A 129 9.29 -13.55 -8.95
N PHE A 130 8.98 -14.57 -8.20
CA PHE A 130 8.50 -14.45 -6.81
C PHE A 130 9.54 -13.74 -5.90
N TYR A 131 10.79 -14.22 -5.92
CA TYR A 131 11.86 -13.66 -5.09
C TYR A 131 12.11 -12.24 -5.61
N GLY A 132 12.08 -12.05 -6.92
CA GLY A 132 12.38 -10.74 -7.53
C GLY A 132 11.30 -9.73 -7.15
N ALA A 133 10.04 -10.15 -7.11
CA ALA A 133 8.95 -9.23 -6.76
C ALA A 133 9.09 -8.78 -5.31
N GLU A 134 9.53 -9.64 -4.41
CA GLU A 134 9.66 -9.34 -2.96
C GLU A 134 10.92 -8.47 -2.75
N ILE A 135 11.95 -8.66 -3.57
CA ILE A 135 13.17 -7.81 -3.48
C ILE A 135 12.78 -6.43 -3.98
N VAL A 136 12.05 -6.36 -5.09
CA VAL A 136 11.70 -5.03 -5.66
C VAL A 136 10.87 -4.23 -4.64
N SER A 137 9.85 -4.86 -4.04
CA SER A 137 9.01 -4.21 -2.99
C SER A 137 9.88 -3.65 -1.85
N ALA A 138 10.86 -4.42 -1.33
CA ALA A 138 11.79 -4.00 -0.28
C ALA A 138 12.63 -2.81 -0.72
N LEU A 139 13.24 -2.91 -1.90
CA LEU A 139 14.11 -1.83 -2.42
C LEU A 139 13.27 -0.58 -2.79
N ASP A 140 12.05 -0.77 -3.29
CA ASP A 140 11.15 0.39 -3.58
C ASP A 140 10.90 1.16 -2.27
N TYR A 141 10.59 0.43 -1.21
CA TYR A 141 10.43 1.00 0.16
C TYR A 141 11.71 1.72 0.60
N LEU A 142 12.85 1.08 0.51
CA LEU A 142 14.10 1.73 0.97
C LEU A 142 14.35 3.01 0.19
N HIS A 143 14.28 2.99 -1.13
CA HIS A 143 14.56 4.20 -1.95
C HIS A 143 13.51 5.31 -1.72
N SER A 144 12.24 4.99 -1.90
CA SER A 144 11.11 5.97 -1.95
C SER A 144 10.65 6.47 -0.59
N GLU A 145 10.60 5.59 0.39
CA GLU A 145 10.08 5.93 1.75
C GLU A 145 11.21 6.36 2.66
N LYS A 146 12.41 5.78 2.56
CA LYS A 146 13.47 5.98 3.55
C LYS A 146 14.67 6.74 2.98
N ASN A 147 14.74 6.94 1.68
CA ASN A 147 15.90 7.56 0.99
C ASN A 147 17.18 6.79 1.38
N VAL A 148 17.10 5.45 1.33
CA VAL A 148 18.25 4.55 1.61
C VAL A 148 18.57 3.83 0.30
N VAL A 149 19.87 3.80 -0.04
CA VAL A 149 20.41 2.91 -1.09
C VAL A 149 21.14 1.74 -0.36
N TYR A 150 20.79 0.51 -0.67
CA TYR A 150 21.26 -0.67 0.04
C TYR A 150 22.73 -1.02 -0.34
N ARG A 151 23.04 -1.08 -1.63
CA ARG A 151 24.40 -1.25 -2.21
C ARG A 151 25.04 -2.63 -1.99
N ASP A 152 24.47 -3.55 -1.24
CA ASP A 152 25.12 -4.88 -1.08
C ASP A 152 24.17 -6.06 -1.41
N LEU A 153 23.35 -5.94 -2.46
CA LEU A 153 22.43 -7.03 -2.86
C LEU A 153 23.26 -8.21 -3.40
N LYS A 154 22.96 -9.40 -2.91
CA LYS A 154 23.64 -10.66 -3.28
C LYS A 154 22.93 -11.84 -2.63
N LEU A 155 23.19 -13.05 -3.13
CA LEU A 155 22.44 -14.25 -2.62
C LEU A 155 22.62 -14.42 -1.11
N GLU A 156 23.80 -14.08 -0.60
CA GLU A 156 24.18 -14.36 0.78
C GLU A 156 23.36 -13.49 1.76
N ASN A 157 22.87 -12.33 1.30
CA ASN A 157 22.09 -11.38 2.10
C ASN A 157 20.58 -11.54 1.90
N LEU A 158 20.19 -12.49 1.08
CA LEU A 158 18.77 -12.75 0.79
C LEU A 158 18.41 -14.00 1.55
N MET A 159 17.77 -13.86 2.70
CA MET A 159 17.42 -15.05 3.50
C MET A 159 15.95 -15.41 3.31
N LEU A 160 15.59 -16.64 3.71
CA LEU A 160 14.16 -17.07 3.67
C LEU A 160 13.63 -17.19 5.09
N ASP A 161 12.40 -16.72 5.32
CA ASP A 161 11.70 -17.01 6.57
C ASP A 161 11.07 -18.41 6.48
N LYS A 162 10.40 -18.83 7.57
CA LYS A 162 9.90 -20.23 7.73
C LYS A 162 8.86 -20.54 6.65
N ASP A 163 8.13 -19.54 6.19
CA ASP A 163 7.13 -19.65 5.11
C ASP A 163 7.75 -19.58 3.73
N GLY A 164 9.01 -19.14 3.61
CA GLY A 164 9.67 -19.05 2.27
C GLY A 164 9.59 -17.68 1.62
N HIS A 165 9.25 -16.63 2.37
CA HIS A 165 9.34 -15.24 1.87
C HIS A 165 10.77 -14.71 2.09
N ILE A 166 11.17 -13.74 1.27
CA ILE A 166 12.53 -13.11 1.33
C ILE A 166 12.66 -12.32 2.64
N LYS A 167 13.84 -12.33 3.23
CA LYS A 167 14.24 -11.36 4.28
C LYS A 167 15.64 -10.87 3.93
N ILE A 168 15.78 -9.59 3.57
CA ILE A 168 17.12 -8.96 3.37
C ILE A 168 17.80 -8.73 4.74
N THR A 169 19.06 -9.12 4.85
CA THR A 169 19.91 -8.84 6.04
C THR A 169 21.12 -8.01 5.64
N ASP A 170 22.01 -7.65 6.59
CA ASP A 170 23.28 -6.90 6.36
C ASP A 170 22.96 -5.49 5.80
N PHE A 171 22.76 -4.50 6.67
CA PHE A 171 22.53 -3.09 6.27
C PHE A 171 23.70 -2.15 6.55
N GLY A 172 24.86 -2.67 6.94
CA GLY A 172 26.06 -1.84 7.24
C GLY A 172 26.59 -1.07 6.05
N LEU A 173 26.28 -1.50 4.85
CA LEU A 173 26.78 -0.79 3.62
C LEU A 173 25.78 0.22 3.06
N CYS A 174 24.59 0.33 3.64
CA CYS A 174 23.60 1.32 3.19
C CYS A 174 24.21 2.73 3.20
N LYS A 175 23.65 3.61 2.35
CA LYS A 175 23.79 5.07 2.42
C LYS A 175 22.42 5.69 2.70
N GLU A 176 22.34 6.50 3.77
CA GLU A 176 21.11 7.24 4.13
C GLU A 176 21.08 8.60 3.44
N GLY A 177 19.88 9.12 3.27
CA GLY A 177 19.68 10.49 2.84
C GLY A 177 19.90 10.68 1.37
N ILE A 178 19.69 9.64 0.55
CA ILE A 178 19.87 9.71 -0.93
C ILE A 178 18.52 9.85 -1.64
N LYS A 179 18.36 10.95 -2.34
CA LYS A 179 17.04 11.32 -2.93
C LYS A 179 17.01 11.10 -4.42
N ASP A 180 15.96 11.66 -5.02
CA ASP A 180 15.74 11.59 -6.49
C ASP A 180 16.95 12.17 -7.19
N GLY A 181 18.01 11.38 -7.31
CA GLY A 181 19.13 11.71 -8.21
C GLY A 181 20.41 11.96 -7.46
N ALA A 182 20.34 12.23 -6.17
CA ALA A 182 21.56 12.53 -5.35
C ALA A 182 22.62 11.42 -5.52
N THR A 183 23.93 11.70 -5.29
CA THR A 183 24.99 10.74 -5.65
C THR A 183 25.93 10.43 -4.46
N MET A 184 26.68 9.35 -4.62
CA MET A 184 27.46 8.69 -3.57
C MET A 184 28.86 8.49 -4.13
N LYS A 185 29.83 8.34 -3.27
CA LYS A 185 31.22 8.19 -3.70
C LYS A 185 31.86 6.92 -3.15
N TPO A 186 31.33 6.29 -2.09
CA TPO A 186 32.10 5.23 -1.44
CB TPO A 186 31.54 4.90 -0.05
CG2 TPO A 186 32.41 3.97 0.77
OG1 TPO A 186 31.44 6.09 0.72
P TPO A 186 29.94 6.52 1.24
O1P TPO A 186 29.42 5.49 2.17
O2P TPO A 186 30.08 7.86 1.94
O3P TPO A 186 29.18 6.70 -0.03
C TPO A 186 32.23 4.00 -2.35
O TPO A 186 31.26 3.37 -2.82
N PHE A 187 33.48 3.59 -2.56
CA PHE A 187 33.77 2.31 -3.16
C PHE A 187 33.51 1.22 -2.15
N CYS A 188 32.43 0.46 -2.33
CA CYS A 188 32.00 -0.58 -1.37
C CYS A 188 30.98 -1.50 -2.10
N GLY A 189 30.81 -2.69 -1.54
CA GLY A 189 29.89 -3.74 -2.02
C GLY A 189 30.61 -5.05 -2.01
N THR A 190 30.22 -5.98 -2.87
CA THR A 190 30.86 -7.33 -2.98
C THR A 190 31.38 -7.40 -4.41
N PRO A 191 32.66 -7.75 -4.71
CA PRO A 191 33.25 -7.58 -6.06
C PRO A 191 32.46 -8.12 -7.27
N GLU A 192 31.93 -9.32 -7.15
CA GLU A 192 31.10 -9.96 -8.19
C GLU A 192 29.80 -9.19 -8.53
N TYR A 193 29.36 -8.33 -7.62
CA TYR A 193 28.06 -7.64 -7.74
C TYR A 193 28.19 -6.16 -8.08
N LEU A 194 29.41 -5.65 -8.16
CA LEU A 194 29.64 -4.18 -8.34
C LEU A 194 29.15 -3.66 -9.66
N ALA A 195 28.37 -2.59 -9.63
CA ALA A 195 27.87 -1.99 -10.88
C ALA A 195 28.99 -1.30 -11.67
N PRO A 196 28.88 -1.21 -12.98
CA PRO A 196 29.93 -0.51 -13.73
C PRO A 196 30.23 0.88 -13.24
N GLU A 197 29.21 1.65 -12.87
CA GLU A 197 29.45 3.07 -12.48
C GLU A 197 30.20 3.11 -11.15
N VAL A 198 30.10 2.06 -10.30
CA VAL A 198 30.89 1.99 -9.03
C VAL A 198 32.35 1.69 -9.42
N LEU A 199 32.57 0.74 -10.32
CA LEU A 199 33.94 0.39 -10.76
C LEU A 199 34.59 1.59 -11.51
N GLU A 200 33.81 2.41 -12.23
CA GLU A 200 34.33 3.62 -12.91
C GLU A 200 34.84 4.62 -11.85
N ASP A 201 34.46 4.51 -10.57
CA ASP A 201 34.85 5.43 -9.49
C ASP A 201 34.43 6.87 -9.84
N ASN A 202 33.32 7.05 -10.51
N ASN A 202 33.27 6.97 -10.44
CA ASN A 202 32.64 8.38 -10.56
CA ASN A 202 32.49 8.22 -10.55
C ASN A 202 31.54 8.29 -9.48
C ASN A 202 31.57 8.30 -9.35
N ASP A 203 30.81 9.37 -9.29
CA ASP A 203 29.63 9.40 -8.41
C ASP A 203 28.63 8.41 -9.01
N TYR A 204 27.81 7.83 -8.17
CA TYR A 204 26.74 6.95 -8.65
C TYR A 204 25.51 7.21 -7.80
N GLY A 205 24.36 6.81 -8.34
CA GLY A 205 23.05 6.99 -7.71
C GLY A 205 22.43 5.69 -7.25
N ARG A 206 21.15 5.72 -6.91
CA ARG A 206 20.35 4.59 -6.36
C ARG A 206 20.21 3.41 -7.34
N ALA A 207 20.43 3.62 -8.62
CA ALA A 207 20.36 2.59 -9.69
C ALA A 207 21.40 1.50 -9.46
N VAL A 208 22.42 1.71 -8.63
CA VAL A 208 23.33 0.57 -8.34
C VAL A 208 22.54 -0.65 -7.81
N ASP A 209 21.48 -0.42 -7.06
CA ASP A 209 20.64 -1.49 -6.49
C ASP A 209 20.00 -2.35 -7.57
N TRP A 210 19.63 -1.74 -8.71
CA TRP A 210 18.94 -2.38 -9.82
C TRP A 210 19.96 -3.20 -10.61
N TRP A 211 21.20 -2.74 -10.73
CA TRP A 211 22.26 -3.61 -11.30
C TRP A 211 22.33 -4.88 -10.41
N GLY A 212 22.30 -4.74 -9.08
CA GLY A 212 22.43 -5.81 -8.09
C GLY A 212 21.26 -6.76 -8.24
N LEU A 213 20.08 -6.23 -8.42
CA LEU A 213 18.89 -7.07 -8.72
C LEU A 213 19.14 -7.89 -9.98
N GLY A 214 19.57 -7.24 -11.04
CA GLY A 214 19.85 -7.99 -12.26
C GLY A 214 20.84 -9.13 -11.99
N VAL A 215 21.90 -8.88 -11.26
CA VAL A 215 22.91 -9.95 -11.02
C VAL A 215 22.30 -11.07 -10.19
N VAL A 216 21.50 -10.78 -9.18
CA VAL A 216 20.90 -11.89 -8.38
C VAL A 216 19.89 -12.66 -9.22
N MET A 217 19.11 -11.95 -10.04
CA MET A 217 18.07 -12.60 -10.82
C MET A 217 18.72 -13.42 -11.95
N TYR A 218 19.77 -12.91 -12.54
CA TYR A 218 20.54 -13.68 -13.53
C TYR A 218 21.06 -15.01 -12.92
N GLU A 219 21.64 -14.94 -11.71
CA GLU A 219 22.18 -16.12 -11.01
C GLU A 219 21.02 -17.09 -10.78
N MET A 220 19.87 -16.59 -10.35
CA MET A 220 18.75 -17.46 -10.03
C MET A 220 18.33 -18.16 -11.31
N MET A 221 18.22 -17.46 -12.42
CA MET A 221 17.59 -18.10 -13.58
C MET A 221 18.64 -18.83 -14.45
N CYS A 222 19.91 -18.46 -14.33
CA CYS A 222 20.97 -18.92 -15.28
C CYS A 222 21.97 -19.82 -14.58
N GLY A 223 21.91 -19.88 -13.25
CA GLY A 223 22.80 -20.73 -12.45
C GLY A 223 24.26 -20.31 -12.44
N ARG A 224 24.61 -19.07 -12.84
CA ARG A 224 26.01 -18.55 -12.75
C ARG A 224 25.90 -17.03 -12.72
N LEU A 225 26.97 -16.35 -12.32
CA LEU A 225 27.05 -14.89 -12.43
C LEU A 225 27.10 -14.52 -13.89
N PRO A 226 26.60 -13.33 -14.23
CA PRO A 226 26.74 -12.91 -15.61
C PRO A 226 28.20 -12.64 -16.03
N PHE A 227 29.01 -12.15 -15.12
CA PHE A 227 30.45 -11.92 -15.34
C PHE A 227 31.23 -12.68 -14.28
N TYR A 228 32.23 -13.47 -14.67
CA TYR A 228 33.08 -14.15 -13.62
C TYR A 228 34.54 -14.35 -14.05
N ASN A 229 35.40 -14.08 -13.10
CA ASN A 229 36.83 -14.42 -13.10
C ASN A 229 37.22 -14.43 -11.63
N GLN A 230 38.14 -15.29 -11.25
CA GLN A 230 38.54 -15.43 -9.84
C GLN A 230 39.28 -14.17 -9.45
N ASP A 231 40.00 -13.59 -10.40
CA ASP A 231 40.81 -12.38 -10.18
C ASP A 231 39.89 -11.15 -10.29
N HIS A 232 39.85 -10.34 -9.24
CA HIS A 232 38.90 -9.23 -9.07
C HIS A 232 39.21 -8.22 -10.18
N GLU A 233 40.47 -8.05 -10.54
CA GLU A 233 40.79 -7.01 -11.55
C GLU A 233 40.26 -7.42 -12.93
N LYS A 234 40.39 -8.67 -13.34
CA LYS A 234 39.84 -9.14 -14.65
C LYS A 234 38.29 -9.23 -14.60
N LEU A 235 37.74 -9.63 -13.45
CA LEU A 235 36.29 -9.64 -13.17
C LEU A 235 35.79 -8.26 -13.49
N PHE A 236 36.56 -7.21 -13.15
CA PHE A 236 36.08 -5.79 -13.24
C PHE A 236 36.15 -5.35 -14.72
N GLU A 237 37.21 -5.74 -15.45
CA GLU A 237 37.22 -5.54 -16.90
C GLU A 237 36.02 -6.24 -17.56
N LEU A 238 35.57 -7.42 -17.13
CA LEU A 238 34.37 -8.04 -17.79
C LEU A 238 33.15 -7.15 -17.48
N ILE A 239 32.97 -6.80 -16.22
CA ILE A 239 31.78 -5.97 -15.80
C ILE A 239 31.78 -4.66 -16.61
N LEU A 240 32.95 -4.07 -16.87
CA LEU A 240 32.97 -2.78 -17.59
C LEU A 240 32.82 -2.98 -19.11
N MET A 241 33.39 -4.04 -19.68
CA MET A 241 33.57 -4.18 -21.17
C MET A 241 32.70 -5.25 -21.82
N GLU A 242 32.38 -6.38 -21.17
CA GLU A 242 31.82 -7.53 -21.95
C GLU A 242 30.31 -7.29 -22.11
N GLU A 243 29.79 -7.60 -23.29
CA GLU A 243 28.32 -7.61 -23.50
C GLU A 243 27.70 -8.87 -22.82
N ILE A 244 26.60 -8.66 -22.14
CA ILE A 244 25.84 -9.75 -21.46
C ILE A 244 25.43 -10.85 -22.46
N ARG A 245 25.49 -12.12 -22.09
CA ARG A 245 24.88 -13.20 -22.82
C ARG A 245 23.98 -14.00 -21.93
N PHE A 246 23.15 -14.81 -22.56
CA PHE A 246 22.14 -15.59 -21.81
C PHE A 246 22.10 -16.98 -22.34
N PRO A 247 21.74 -17.96 -21.49
CA PRO A 247 21.43 -19.31 -21.99
C PRO A 247 20.27 -19.35 -22.99
N ARG A 248 20.31 -20.29 -23.96
CA ARG A 248 19.43 -20.26 -25.12
C ARG A 248 18.02 -20.66 -24.66
N THR A 249 17.85 -21.20 -23.44
CA THR A 249 16.51 -21.55 -22.90
C THR A 249 15.80 -20.39 -22.19
N LEU A 250 16.46 -19.23 -21.99
CA LEU A 250 15.83 -18.21 -21.15
C LEU A 250 14.70 -17.55 -21.97
N GLY A 251 13.53 -17.42 -21.35
CA GLY A 251 12.36 -16.74 -21.92
C GLY A 251 12.68 -15.33 -22.36
N PRO A 252 11.98 -14.81 -23.39
CA PRO A 252 12.18 -13.45 -23.83
C PRO A 252 11.80 -12.37 -22.79
N GLU A 253 10.82 -12.57 -21.92
CA GLU A 253 10.53 -11.56 -20.85
C GLU A 253 11.63 -11.52 -19.78
N ALA A 254 12.15 -12.68 -19.44
CA ALA A 254 13.30 -12.83 -18.52
C ALA A 254 14.51 -12.10 -19.14
N LYS A 255 14.82 -12.42 -20.37
CA LYS A 255 15.95 -11.81 -21.13
C LYS A 255 15.76 -10.28 -21.28
N SER A 256 14.58 -9.76 -21.54
CA SER A 256 14.37 -8.29 -21.64
C SER A 256 14.56 -7.66 -20.25
N LEU A 257 14.07 -8.28 -19.17
CA LEU A 257 14.24 -7.73 -17.82
C LEU A 257 15.74 -7.71 -17.46
N LEU A 258 16.44 -8.85 -17.58
CA LEU A 258 17.88 -8.90 -17.22
C LEU A 258 18.65 -7.93 -18.08
N SER A 259 18.36 -7.80 -19.38
CA SER A 259 19.10 -6.85 -20.25
C SER A 259 18.87 -5.41 -19.78
N GLY A 260 17.66 -5.11 -19.30
CA GLY A 260 17.36 -3.75 -18.81
C GLY A 260 18.15 -3.51 -17.55
N LEU A 261 18.16 -4.50 -16.63
CA LEU A 261 18.70 -4.31 -15.26
C LEU A 261 20.24 -4.24 -15.40
N LEU A 262 20.78 -4.96 -16.37
CA LEU A 262 22.27 -5.08 -16.49
C LEU A 262 22.78 -4.17 -17.63
N LYS A 263 22.07 -3.07 -17.94
CA LYS A 263 22.66 -1.97 -18.76
C LYS A 263 23.82 -1.34 -17.97
N LYS A 264 24.95 -1.16 -18.62
CA LYS A 264 26.17 -0.64 -17.93
C LYS A 264 26.05 0.86 -17.63
N ASP A 265 25.34 1.59 -18.47
CA ASP A 265 25.09 3.02 -18.26
C ASP A 265 23.86 3.15 -17.36
N PRO A 266 24.03 3.67 -16.14
CA PRO A 266 22.89 3.74 -15.25
C PRO A 266 21.71 4.55 -15.79
N LYS A 267 21.93 5.51 -16.69
CA LYS A 267 20.82 6.36 -17.25
C LYS A 267 20.01 5.54 -18.26
N GLN A 268 20.55 4.47 -18.79
CA GLN A 268 19.78 3.58 -19.66
C GLN A 268 19.15 2.44 -18.86
N ARG A 269 19.55 2.20 -17.61
CA ARG A 269 19.15 0.99 -16.88
C ARG A 269 17.64 1.05 -16.59
N LEU A 270 16.98 -0.07 -16.64
CA LEU A 270 15.62 -0.24 -16.07
C LEU A 270 15.68 0.17 -14.59
N GLY A 271 14.87 1.15 -14.21
CA GLY A 271 14.85 1.69 -12.87
C GLY A 271 15.83 2.89 -12.71
N GLY A 272 16.54 3.25 -13.76
CA GLY A 272 17.55 4.31 -13.71
C GLY A 272 16.96 5.69 -13.78
N GLY A 273 15.69 5.83 -14.14
CA GLY A 273 15.06 7.15 -14.31
C GLY A 273 14.44 7.65 -13.03
N SER A 274 13.65 8.72 -13.14
CA SER A 274 12.98 9.32 -11.96
C SER A 274 11.91 8.39 -11.38
N GLU A 275 11.37 7.47 -12.17
CA GLU A 275 10.32 6.55 -11.66
C GLU A 275 10.92 5.42 -10.81
N ASP A 276 12.23 5.19 -10.92
CA ASP A 276 12.93 4.20 -10.05
C ASP A 276 12.28 2.81 -10.17
N ALA A 277 11.89 2.22 -9.05
CA ALA A 277 11.33 0.86 -8.93
C ALA A 277 10.05 0.72 -9.74
N LYS A 278 9.30 1.81 -10.01
CA LYS A 278 7.96 1.69 -10.69
C LYS A 278 8.22 1.29 -12.13
N GLU A 279 9.37 1.68 -12.70
CA GLU A 279 9.70 1.26 -14.08
C GLU A 279 9.89 -0.28 -14.14
N ILE A 280 10.55 -0.86 -13.13
CA ILE A 280 10.77 -2.32 -13.04
C ILE A 280 9.41 -2.98 -12.78
N MET A 281 8.59 -2.40 -11.93
CA MET A 281 7.29 -3.00 -11.56
C MET A 281 6.36 -3.11 -12.78
N GLN A 282 6.53 -2.22 -13.77
CA GLN A 282 5.74 -2.12 -15.01
C GLN A 282 6.28 -3.14 -16.02
N HIS A 283 7.42 -3.77 -15.80
CA HIS A 283 8.02 -4.62 -16.87
C HIS A 283 7.19 -5.88 -17.11
N ARG A 284 7.07 -6.28 -18.35
CA ARG A 284 6.17 -7.41 -18.71
C ARG A 284 6.62 -8.71 -18.02
N PHE A 285 7.86 -8.84 -17.56
CA PHE A 285 8.25 -10.07 -16.80
C PHE A 285 7.41 -10.19 -15.52
N PHE A 286 7.00 -9.04 -14.97
CA PHE A 286 6.12 -9.04 -13.79
C PHE A 286 4.62 -8.88 -14.14
N ALA A 287 4.20 -9.14 -15.37
CA ALA A 287 2.79 -8.90 -15.78
C ALA A 287 1.89 -9.77 -14.89
N GLY A 288 0.76 -9.25 -14.45
CA GLY A 288 -0.09 -10.08 -13.58
C GLY A 288 0.34 -10.09 -12.09
N ILE A 289 1.52 -9.58 -11.71
CA ILE A 289 1.88 -9.45 -10.28
C ILE A 289 1.10 -8.22 -9.77
N VAL A 290 0.40 -8.37 -8.66
CA VAL A 290 -0.30 -7.26 -7.96
C VAL A 290 0.60 -6.83 -6.82
N TRP A 291 1.26 -5.71 -6.99
CA TRP A 291 2.31 -5.26 -6.03
C TRP A 291 1.73 -5.10 -4.62
N GLN A 292 0.46 -4.69 -4.48
CA GLN A 292 -0.12 -4.60 -3.11
C GLN A 292 -0.19 -5.99 -2.50
N HIS A 293 -0.44 -7.00 -3.29
CA HIS A 293 -0.57 -8.38 -2.81
C HIS A 293 0.81 -8.92 -2.48
N VAL A 294 1.82 -8.50 -3.23
CA VAL A 294 3.22 -8.86 -2.88
C VAL A 294 3.43 -8.43 -1.42
N TYR A 295 3.18 -7.18 -1.16
CA TYR A 295 3.49 -6.53 0.12
C TYR A 295 2.72 -7.22 1.29
N GLU A 296 1.49 -7.64 1.03
CA GLU A 296 0.62 -8.28 2.06
C GLU A 296 0.93 -9.79 2.13
N LYS A 297 2.00 -10.26 1.52
CA LYS A 297 2.34 -11.71 1.51
C LYS A 297 1.15 -12.57 1.08
N LYS A 298 0.35 -12.13 0.13
CA LYS A 298 -0.75 -12.95 -0.37
C LYS A 298 -0.29 -14.01 -1.37
N LEU A 299 0.87 -13.84 -2.02
CA LEU A 299 1.33 -14.81 -3.07
C LEU A 299 1.96 -16.06 -2.44
N SER A 300 1.85 -17.19 -3.14
CA SER A 300 2.30 -18.54 -2.68
C SER A 300 3.80 -18.70 -2.87
N PRO A 301 4.58 -18.80 -1.79
CA PRO A 301 5.98 -19.09 -1.96
C PRO A 301 6.15 -20.42 -2.69
N PRO A 302 7.00 -20.50 -3.70
CA PRO A 302 7.10 -21.75 -4.43
C PRO A 302 8.00 -22.77 -3.72
N PHE A 303 8.67 -22.36 -2.68
CA PHE A 303 9.46 -23.29 -1.86
C PHE A 303 9.22 -22.97 -0.40
N LYS A 304 8.81 -23.96 0.36
CA LYS A 304 8.58 -23.81 1.81
C LYS A 304 9.68 -24.57 2.54
N PRO A 305 10.52 -23.86 3.32
CA PRO A 305 11.52 -24.54 4.12
C PRO A 305 10.92 -25.66 4.99
N GLN A 306 11.58 -26.82 4.98
CA GLN A 306 11.07 -28.07 5.60
C GLN A 306 11.65 -28.13 7.01
N VAL A 307 11.47 -27.05 7.76
CA VAL A 307 12.04 -26.92 9.12
C VAL A 307 10.96 -27.49 10.02
N THR A 308 11.32 -28.49 10.82
CA THR A 308 10.40 -29.20 11.72
C THR A 308 9.94 -28.18 12.79
N SER A 309 10.92 -27.58 13.46
CA SER A 309 10.72 -26.65 14.59
C SER A 309 11.60 -25.43 14.36
N GLU A 310 11.58 -24.49 15.30
CA GLU A 310 12.30 -23.22 15.10
C GLU A 310 13.78 -23.43 15.38
N THR A 311 14.14 -24.46 16.11
CA THR A 311 15.57 -24.76 16.41
C THR A 311 16.20 -25.70 15.37
N ASP A 312 15.44 -26.14 14.35
CA ASP A 312 15.95 -26.91 13.19
C ASP A 312 16.71 -25.97 12.25
N THR A 313 18.02 -26.18 12.14
CA THR A 313 18.98 -25.31 11.43
C THR A 313 19.58 -26.08 10.27
N ARG A 314 18.79 -26.91 9.61
CA ARG A 314 19.20 -27.68 8.39
C ARG A 314 19.61 -26.74 7.22
N TYR A 315 19.12 -25.50 7.14
CA TYR A 315 19.49 -24.61 6.01
C TYR A 315 20.69 -23.70 6.36
N PHE A 316 21.39 -23.98 7.46
CA PHE A 316 22.60 -23.24 7.91
C PHE A 316 23.79 -24.19 7.85
N ASP A 317 24.97 -23.73 7.45
CA ASP A 317 26.08 -24.66 7.10
C ASP A 317 26.74 -25.28 8.34
N GLU A 318 27.30 -26.48 8.11
CA GLU A 318 27.74 -27.50 9.10
C GLU A 318 28.85 -26.92 9.99
N GLU A 319 29.88 -26.33 9.37
CA GLU A 319 31.00 -25.62 10.08
C GLU A 319 30.48 -24.99 11.37
N PHE A 320 29.35 -24.26 11.28
CA PHE A 320 28.81 -23.39 12.36
C PHE A 320 27.77 -24.12 13.24
N THR A 321 26.67 -24.63 12.69
CA THR A 321 25.60 -25.27 13.51
C THR A 321 26.22 -26.23 14.54
N ALA A 322 27.27 -26.99 14.15
CA ALA A 322 27.98 -27.99 14.99
C ALA A 322 28.68 -27.36 16.23
N GLN A 323 29.32 -26.20 16.10
CA GLN A 323 30.15 -25.56 17.17
C GLN A 323 29.28 -25.28 18.39
N MET A 324 29.77 -25.62 19.58
CA MET A 324 28.99 -25.49 20.84
C MET A 324 29.67 -24.50 21.78
N ILE A 325 28.91 -23.48 22.21
CA ILE A 325 29.23 -22.53 23.32
C ILE A 325 27.90 -22.18 24.00
N THR A 326 27.19 -23.19 24.52
CA THR A 326 25.82 -23.08 25.09
C THR A 326 25.81 -22.18 26.33
N ILE A 327 24.73 -21.41 26.50
CA ILE A 327 24.42 -20.58 27.71
C ILE A 327 22.89 -20.51 27.87
N ARG A 343 37.34 -5.00 26.31
CA ARG A 343 36.36 -3.89 26.39
C ARG A 343 36.72 -2.77 25.39
N ARG A 344 35.99 -1.64 25.41
CA ARG A 344 36.38 -0.34 24.78
C ARG A 344 35.23 0.67 24.98
N PRO A 345 34.86 1.59 24.04
CA PRO A 345 34.08 2.74 24.48
C PRO A 345 32.61 2.43 24.68
N HIS A 346 31.88 3.44 25.14
CA HIS A 346 30.41 3.39 25.25
C HIS A 346 29.90 4.04 23.97
N PHE A 347 28.97 3.38 23.32
CA PHE A 347 28.34 3.87 22.07
C PHE A 347 27.13 4.69 22.46
N PRO A 348 27.21 6.04 22.37
CA PRO A 348 26.10 6.85 22.85
C PRO A 348 24.80 6.50 22.13
N GLN A 349 23.75 6.24 22.91
CA GLN A 349 22.35 6.12 22.41
C GLN A 349 22.25 5.05 21.32
N PHE A 350 23.01 3.96 21.48
CA PHE A 350 22.96 2.76 20.61
C PHE A 350 21.65 1.99 20.80
N SEP A 351 21.14 2.01 22.04
CA SEP A 351 20.16 1.04 22.51
CB SEP A 351 20.04 1.04 24.00
OG SEP A 351 21.19 0.33 24.53
C SEP A 351 18.82 1.34 21.88
O SEP A 351 18.54 2.51 21.63
P SEP A 351 22.05 0.97 25.79
O1P SEP A 351 20.96 1.70 26.61
O2P SEP A 351 23.08 1.96 25.28
O3P SEP A 351 22.64 -0.30 26.39
N TYR A 352 18.01 0.30 21.64
CA TYR A 352 16.70 0.49 21.06
C TYR A 352 15.86 -0.74 21.37
N SER A 353 14.55 -0.50 21.39
CA SER A 353 13.52 -1.53 21.58
C SER A 353 12.36 -1.19 20.68
N ALA A 354 11.93 -2.16 19.91
CA ALA A 354 10.79 -1.97 18.99
C ALA A 354 9.53 -1.75 19.83
N SEP A 355 8.55 -1.09 19.23
CA SEP A 355 7.19 -0.99 19.75
CB SEP A 355 6.42 0.06 19.00
OG SEP A 355 6.37 -0.36 17.60
C SEP A 355 6.48 -2.32 19.59
O SEP A 355 6.73 -3.03 18.62
P SEP A 355 6.93 0.66 16.45
O1P SEP A 355 8.21 1.29 16.99
O2P SEP A 355 7.17 -0.16 15.20
O3P SEP A 355 5.80 1.69 16.30
N GLY A 356 5.52 -2.59 20.50
CA GLY A 356 4.75 -3.82 20.52
C GLY A 356 5.68 -5.02 20.81
N PRO B 19 -32.12 20.87 22.49
CA PRO B 19 -32.19 20.27 23.84
C PRO B 19 -32.32 18.74 23.78
N LYS B 20 -31.34 18.06 23.18
CA LYS B 20 -31.40 16.58 23.03
C LYS B 20 -30.81 15.88 24.25
N HIS B 21 -30.57 16.61 25.35
CA HIS B 21 -29.90 16.04 26.55
C HIS B 21 -28.44 15.75 26.21
N ARG B 22 -27.99 16.24 25.05
CA ARG B 22 -26.58 16.17 24.59
C ARG B 22 -26.01 14.76 24.77
N VAL B 23 -26.47 13.84 23.91
CA VAL B 23 -25.99 12.44 23.73
C VAL B 23 -24.51 12.25 24.11
N THR B 24 -24.22 11.07 24.67
CA THR B 24 -22.85 10.59 25.02
C THR B 24 -22.72 9.12 24.60
N MET B 25 -21.52 8.55 24.71
CA MET B 25 -21.20 7.17 24.30
C MET B 25 -21.93 6.12 25.13
N ASN B 26 -22.31 6.44 26.36
CA ASN B 26 -22.99 5.48 27.26
C ASN B 26 -24.46 5.31 26.83
N GLU B 27 -24.98 6.13 25.92
CA GLU B 27 -26.35 5.93 25.38
C GLU B 27 -26.40 4.83 24.31
N PHE B 28 -25.28 4.22 23.92
CA PHE B 28 -25.35 3.22 22.83
C PHE B 28 -24.74 1.91 23.28
N GLU B 29 -25.34 0.78 22.87
CA GLU B 29 -24.59 -0.50 22.82
C GLU B 29 -23.80 -0.56 21.51
N TYR B 30 -22.64 -1.17 21.58
CA TYR B 30 -21.61 -1.27 20.53
C TYR B 30 -21.56 -2.72 20.07
N LEU B 31 -22.09 -3.04 18.90
CA LEU B 31 -22.44 -4.46 18.55
C LEU B 31 -21.41 -5.12 17.66
N LYS B 32 -20.95 -4.44 16.62
CA LYS B 32 -20.07 -5.07 15.61
C LYS B 32 -19.32 -3.98 14.88
N LEU B 33 -18.11 -4.32 14.45
CA LEU B 33 -17.29 -3.45 13.59
C LEU B 33 -17.77 -3.63 12.14
N LEU B 34 -18.25 -2.56 11.52
CA LEU B 34 -18.77 -2.56 10.13
C LEU B 34 -17.58 -2.29 9.21
N GLY B 35 -16.62 -1.52 9.69
CA GLY B 35 -15.42 -1.27 8.91
C GLY B 35 -14.46 -0.32 9.59
N LYS B 36 -13.17 -0.52 9.31
CA LYS B 36 -12.05 0.26 9.88
C LYS B 36 -11.57 1.15 8.74
N GLY B 37 -11.66 2.46 8.91
CA GLY B 37 -11.13 3.41 7.90
C GLY B 37 -9.65 3.63 8.11
N THR B 38 -9.12 4.72 7.57
CA THR B 38 -7.68 5.03 7.75
C THR B 38 -7.51 5.98 8.95
N PHE B 39 -8.59 6.60 9.48
CA PHE B 39 -8.53 7.58 10.61
C PHE B 39 -9.40 7.16 11.79
N GLY B 40 -10.17 6.09 11.66
CA GLY B 40 -11.05 5.68 12.76
C GLY B 40 -11.88 4.47 12.37
N LYS B 41 -13.01 4.31 13.00
CA LYS B 41 -13.76 3.07 12.79
C LYS B 41 -15.25 3.38 12.71
N VAL B 42 -16.00 2.44 12.12
CA VAL B 42 -17.48 2.50 11.96
C VAL B 42 -18.08 1.28 12.65
N ILE B 43 -18.90 1.55 13.67
CA ILE B 43 -19.48 0.56 14.58
C ILE B 43 -21.01 0.57 14.48
N LEU B 44 -21.57 -0.60 14.29
CA LEU B 44 -23.03 -0.79 14.35
C LEU B 44 -23.36 -0.67 15.82
N VAL B 45 -24.22 0.29 16.13
CA VAL B 45 -24.60 0.64 17.51
C VAL B 45 -26.11 0.56 17.65
N LYS B 46 -26.55 0.33 18.88
CA LYS B 46 -27.98 0.31 19.19
C LYS B 46 -28.20 1.36 20.28
N GLU B 47 -29.15 2.27 20.07
CA GLU B 47 -29.45 3.34 21.03
C GLU B 47 -30.23 2.68 22.18
N LYS B 48 -29.66 2.64 23.39
CA LYS B 48 -30.34 1.95 24.52
C LYS B 48 -31.79 2.41 24.73
N ALA B 49 -32.12 3.71 24.59
CA ALA B 49 -33.43 4.24 25.00
C ALA B 49 -34.53 4.00 23.97
N THR B 50 -34.21 3.68 22.72
CA THR B 50 -35.25 3.57 21.65
C THR B 50 -35.18 2.22 20.97
N GLY B 51 -34.09 1.49 21.15
CA GLY B 51 -33.82 0.22 20.43
C GLY B 51 -33.41 0.39 18.96
N ARG B 52 -33.19 1.63 18.50
CA ARG B 52 -32.91 1.90 17.06
C ARG B 52 -31.44 1.62 16.76
N TYR B 53 -31.16 1.11 15.56
CA TYR B 53 -29.77 0.86 15.10
C TYR B 53 -29.23 2.01 14.26
N TYR B 54 -27.94 2.26 14.37
CA TYR B 54 -27.23 3.31 13.62
C TYR B 54 -25.83 2.80 13.34
N ALA B 55 -25.14 3.51 12.47
CA ALA B 55 -23.72 3.28 12.23
C ALA B 55 -23.02 4.45 12.89
N MET B 56 -22.15 4.18 13.88
CA MET B 56 -21.37 5.26 14.53
C MET B 56 -19.96 5.29 13.96
N LYS B 57 -19.57 6.45 13.43
CA LYS B 57 -18.18 6.66 13.04
C LYS B 57 -17.49 7.31 14.23
N ILE B 58 -16.37 6.75 14.63
CA ILE B 58 -15.60 7.12 15.86
C ILE B 58 -14.18 7.48 15.42
N LEU B 59 -13.83 8.76 15.56
CA LEU B 59 -12.49 9.30 15.27
C LEU B 59 -11.81 9.69 16.57
N LYS B 60 -10.57 9.26 16.75
CA LYS B 60 -9.67 9.77 17.80
C LYS B 60 -9.17 11.14 17.36
N LYS B 61 -9.44 12.15 18.17
CA LYS B 61 -9.04 13.57 17.96
C LYS B 61 -7.53 13.65 17.74
N GLU B 62 -6.79 12.87 18.53
CA GLU B 62 -5.30 12.81 18.51
C GLU B 62 -4.86 12.55 17.09
N VAL B 63 -5.45 11.53 16.46
CA VAL B 63 -5.15 11.09 15.07
C VAL B 63 -5.58 12.14 14.03
N ILE B 64 -6.76 12.73 14.15
CA ILE B 64 -7.29 13.76 13.19
C ILE B 64 -6.32 14.91 13.11
N VAL B 65 -5.84 15.33 14.28
CA VAL B 65 -4.90 16.49 14.36
C VAL B 65 -3.57 16.07 13.72
N ALA B 66 -3.04 14.90 14.08
CA ALA B 66 -1.75 14.37 13.56
C ALA B 66 -1.76 14.29 12.01
N LYS B 67 -2.86 13.87 11.38
CA LYS B 67 -2.89 13.61 9.91
C LYS B 67 -3.36 14.85 9.13
N ASP B 68 -3.55 15.99 9.80
CA ASP B 68 -4.14 17.20 9.15
C ASP B 68 -5.51 16.85 8.56
N GLU B 69 -6.39 16.24 9.34
CA GLU B 69 -7.73 15.79 8.87
C GLU B 69 -8.84 16.58 9.56
N VAL B 70 -8.52 17.76 10.11
CA VAL B 70 -9.51 18.54 10.89
C VAL B 70 -10.48 19.15 9.90
N ALA B 71 -9.96 19.82 8.87
CA ALA B 71 -10.79 20.56 7.89
C ALA B 71 -11.79 19.59 7.22
N HIS B 72 -11.37 18.37 6.93
CA HIS B 72 -12.26 17.35 6.29
C HIS B 72 -13.34 16.94 7.29
N THR B 73 -12.98 16.68 8.55
CA THR B 73 -13.96 16.19 9.56
C THR B 73 -15.01 17.28 9.78
N LEU B 74 -14.61 18.55 9.74
CA LEU B 74 -15.54 19.70 9.95
C LEU B 74 -16.45 19.89 8.74
N THR B 75 -15.90 19.70 7.54
CA THR B 75 -16.67 19.75 6.28
C THR B 75 -17.70 18.63 6.31
N GLU B 76 -17.29 17.45 6.71
CA GLU B 76 -18.25 16.31 6.77
C GLU B 76 -19.43 16.64 7.71
N ASN B 77 -19.15 17.20 8.86
CA ASN B 77 -20.16 17.52 9.91
C ASN B 77 -21.13 18.54 9.31
N ARG B 78 -20.60 19.63 8.74
CA ARG B 78 -21.45 20.71 8.18
C ARG B 78 -22.28 20.13 7.04
N VAL B 79 -21.71 19.35 6.13
CA VAL B 79 -22.53 18.93 4.96
C VAL B 79 -23.64 17.99 5.45
N LEU B 80 -23.30 17.07 6.35
CA LEU B 80 -24.28 16.15 7.00
C LEU B 80 -25.36 16.93 7.76
N GLN B 81 -24.99 17.89 8.59
CA GLN B 81 -26.02 18.74 9.24
C GLN B 81 -26.90 19.51 8.22
N ASN B 82 -26.32 20.06 7.15
CA ASN B 82 -27.05 20.98 6.27
C ASN B 82 -27.65 20.23 5.06
N SER B 83 -27.84 18.92 5.10
CA SER B 83 -28.38 18.16 3.92
C SER B 83 -29.51 17.26 4.37
N ARG B 84 -30.56 17.19 3.57
CA ARG B 84 -31.71 16.27 3.76
C ARG B 84 -32.08 15.78 2.36
N HIS B 85 -31.95 14.49 2.08
CA HIS B 85 -32.21 13.92 0.73
C HIS B 85 -32.32 12.41 0.91
N PRO B 86 -33.28 11.73 0.28
CA PRO B 86 -33.48 10.32 0.60
C PRO B 86 -32.30 9.44 0.22
N PHE B 87 -31.41 9.91 -0.69
CA PHE B 87 -30.25 9.09 -1.14
C PHE B 87 -28.90 9.67 -0.67
N LEU B 88 -28.96 10.49 0.37
CA LEU B 88 -27.82 10.91 1.20
C LEU B 88 -28.03 10.34 2.60
N THR B 89 -26.98 9.71 3.12
CA THR B 89 -26.90 9.19 4.50
C THR B 89 -27.28 10.35 5.42
N ALA B 90 -28.31 10.17 6.25
CA ALA B 90 -28.75 11.11 7.32
C ALA B 90 -27.94 11.03 8.60
N LEU B 91 -27.63 12.21 9.13
CA LEU B 91 -26.91 12.37 10.40
C LEU B 91 -27.98 12.43 11.51
N LYS B 92 -27.85 11.56 12.50
CA LYS B 92 -28.83 11.52 13.63
C LYS B 92 -28.28 12.38 14.77
N TYR B 93 -27.07 12.08 15.17
CA TYR B 93 -26.37 12.85 16.20
C TYR B 93 -24.95 13.09 15.69
N SER B 94 -24.41 14.24 16.06
CA SER B 94 -22.96 14.54 16.16
C SER B 94 -22.62 14.80 17.62
N PHE B 95 -21.51 14.31 18.12
CA PHE B 95 -21.06 14.76 19.45
C PHE B 95 -19.60 14.43 19.66
N GLN B 96 -19.04 15.00 20.70
CA GLN B 96 -17.61 14.79 21.00
C GLN B 96 -17.37 14.40 22.44
N THR B 97 -16.20 13.85 22.67
CA THR B 97 -15.68 13.58 24.02
C THR B 97 -14.36 14.35 24.10
N HIS B 98 -13.69 14.25 25.24
CA HIS B 98 -12.31 14.76 25.44
C HIS B 98 -11.39 14.08 24.44
N ASP B 99 -11.67 12.79 24.19
CA ASP B 99 -10.89 11.80 23.42
C ASP B 99 -11.28 11.83 21.92
N ARG B 100 -12.57 11.93 21.62
CA ARG B 100 -13.05 11.60 20.25
C ARG B 100 -14.19 12.45 19.76
N LEU B 101 -14.38 12.35 18.43
CA LEU B 101 -15.52 12.88 17.67
C LEU B 101 -16.39 11.72 17.20
N CYS B 102 -17.70 11.87 17.25
CA CYS B 102 -18.62 10.74 16.93
C CYS B 102 -19.72 11.23 16.00
N PHE B 103 -19.91 10.53 14.89
CA PHE B 103 -21.05 10.69 13.97
C PHE B 103 -21.99 9.50 14.16
N VAL B 104 -23.21 9.74 14.59
CA VAL B 104 -24.24 8.70 14.62
C VAL B 104 -25.11 8.87 13.38
N MET B 105 -25.03 7.93 12.44
CA MET B 105 -25.66 8.08 11.10
C MET B 105 -26.64 6.93 10.83
N GLU B 106 -27.58 7.15 9.91
CA GLU B 106 -28.47 6.10 9.34
C GLU B 106 -27.56 4.93 8.97
N TYR B 107 -27.94 3.75 9.39
CA TYR B 107 -27.20 2.49 9.10
C TYR B 107 -27.66 1.98 7.74
N ALA B 108 -26.75 1.84 6.78
CA ALA B 108 -27.06 1.21 5.46
C ALA B 108 -26.79 -0.30 5.54
N ASN B 109 -27.84 -1.06 5.79
CA ASN B 109 -27.86 -2.52 6.03
C ASN B 109 -27.38 -3.30 4.81
N GLY B 110 -27.57 -2.75 3.59
CA GLY B 110 -27.26 -3.46 2.33
C GLY B 110 -25.79 -3.46 1.99
N GLY B 111 -24.96 -2.74 2.71
CA GLY B 111 -23.51 -2.68 2.39
C GLY B 111 -23.18 -1.75 1.21
N GLU B 112 -21.93 -1.77 0.79
CA GLU B 112 -21.42 -0.95 -0.34
C GLU B 112 -21.75 -1.62 -1.65
N LEU B 113 -21.94 -0.83 -2.71
CA LEU B 113 -22.14 -1.39 -4.06
C LEU B 113 -20.83 -2.01 -4.50
N PHE B 114 -19.72 -1.54 -4.02
CA PHE B 114 -18.41 -2.19 -4.31
C PHE B 114 -18.47 -3.70 -3.92
N PHE B 115 -19.03 -4.01 -2.75
CA PHE B 115 -19.27 -5.43 -2.30
C PHE B 115 -20.11 -6.18 -3.34
N HIS B 116 -21.22 -5.60 -3.75
CA HIS B 116 -22.18 -6.29 -4.66
C HIS B 116 -21.61 -6.46 -6.07
N LEU B 117 -20.86 -5.48 -6.57
CA LEU B 117 -20.32 -5.56 -7.94
C LEU B 117 -19.12 -6.49 -7.97
N SER B 118 -18.28 -6.55 -6.91
CA SER B 118 -17.20 -7.57 -6.79
C SER B 118 -17.75 -8.99 -7.08
N ARG B 119 -18.81 -9.34 -6.39
CA ARG B 119 -19.46 -10.68 -6.44
C ARG B 119 -20.29 -10.88 -7.71
N GLU B 120 -20.94 -9.88 -8.29
CA GLU B 120 -21.84 -10.12 -9.46
C GLU B 120 -21.13 -9.82 -10.77
N ARG B 121 -19.98 -9.18 -10.72
CA ARG B 121 -19.17 -8.86 -11.95
C ARG B 121 -19.75 -7.67 -12.74
N VAL B 122 -21.02 -7.71 -13.24
CA VAL B 122 -21.72 -6.60 -13.95
C VAL B 122 -23.15 -6.54 -13.48
N PHE B 123 -23.67 -5.34 -13.46
CA PHE B 123 -25.13 -5.13 -13.28
C PHE B 123 -25.76 -5.04 -14.65
N SER B 124 -27.02 -5.38 -14.78
CA SER B 124 -27.76 -5.14 -16.05
C SER B 124 -27.94 -3.62 -16.27
N GLU B 125 -28.25 -3.22 -17.47
CA GLU B 125 -28.56 -1.80 -17.82
C GLU B 125 -29.72 -1.30 -16.94
N ASP B 126 -30.76 -2.09 -16.73
CA ASP B 126 -31.92 -1.62 -15.90
C ASP B 126 -31.47 -1.43 -14.44
N ARG B 127 -30.66 -2.33 -13.93
CA ARG B 127 -30.21 -2.15 -12.53
C ARG B 127 -29.29 -0.92 -12.40
N ALA B 128 -28.37 -0.75 -13.33
CA ALA B 128 -27.46 0.41 -13.38
C ALA B 128 -28.27 1.71 -13.58
N ARG B 129 -29.36 1.68 -14.35
CA ARG B 129 -30.24 2.88 -14.58
C ARG B 129 -30.90 3.30 -13.26
N PHE B 130 -31.37 2.34 -12.48
CA PHE B 130 -32.00 2.62 -11.15
C PHE B 130 -31.00 3.32 -10.19
N TYR B 131 -29.81 2.76 -10.03
CA TYR B 131 -28.82 3.38 -9.11
C TYR B 131 -28.45 4.73 -9.66
N GLY B 132 -28.18 4.82 -10.97
CA GLY B 132 -27.76 6.04 -11.67
C GLY B 132 -28.81 7.13 -11.47
N ALA B 133 -30.10 6.76 -11.46
CA ALA B 133 -31.18 7.76 -11.32
C ALA B 133 -31.11 8.33 -9.91
N GLU B 134 -30.90 7.48 -8.91
CA GLU B 134 -30.83 7.94 -7.50
C GLU B 134 -29.59 8.80 -7.28
N ILE B 135 -28.46 8.46 -7.88
CA ILE B 135 -27.22 9.24 -7.71
C ILE B 135 -27.47 10.62 -8.33
N VAL B 136 -27.99 10.66 -9.54
CA VAL B 136 -28.30 11.91 -10.28
C VAL B 136 -29.26 12.78 -9.43
N SER B 137 -30.27 12.19 -8.78
CA SER B 137 -31.22 12.93 -7.89
C SER B 137 -30.40 13.61 -6.81
N ALA B 138 -29.55 12.86 -6.17
CA ALA B 138 -28.83 13.31 -4.98
C ALA B 138 -27.78 14.37 -5.37
N LEU B 139 -27.06 14.16 -6.48
CA LEU B 139 -26.02 15.12 -6.89
C LEU B 139 -26.70 16.40 -7.32
N ASP B 140 -27.82 16.28 -8.02
CA ASP B 140 -28.54 17.47 -8.50
C ASP B 140 -28.86 18.33 -7.27
N TYR B 141 -29.34 17.70 -6.20
CA TYR B 141 -29.71 18.36 -4.95
C TYR B 141 -28.49 19.00 -4.27
N LEU B 142 -27.36 18.30 -4.21
CA LEU B 142 -26.14 18.92 -3.67
C LEU B 142 -25.76 20.14 -4.51
N HIS B 143 -25.71 20.04 -5.84
CA HIS B 143 -25.28 21.16 -6.71
C HIS B 143 -26.29 22.32 -6.68
N SER B 144 -27.55 22.04 -6.97
CA SER B 144 -28.59 23.08 -7.19
C SER B 144 -29.09 23.66 -5.87
N GLU B 145 -29.24 22.87 -4.83
CA GLU B 145 -29.88 23.36 -3.60
C GLU B 145 -28.86 23.72 -2.55
N LYS B 146 -27.71 23.05 -2.50
CA LYS B 146 -26.73 23.27 -1.42
C LYS B 146 -25.43 23.87 -1.94
N ASN B 147 -25.24 24.02 -3.22
CA ASN B 147 -23.99 24.64 -3.76
C ASN B 147 -22.81 23.83 -3.20
N VAL B 148 -22.94 22.50 -3.27
CA VAL B 148 -21.87 21.54 -2.81
C VAL B 148 -21.45 20.72 -4.02
N VAL B 149 -20.14 20.58 -4.18
CA VAL B 149 -19.52 19.58 -5.09
C VAL B 149 -18.95 18.42 -4.24
N TYR B 150 -19.34 17.20 -4.60
CA TYR B 150 -19.12 15.99 -3.78
C TYR B 150 -17.65 15.53 -3.91
N ARG B 151 -17.12 15.44 -5.14
CA ARG B 151 -15.71 15.17 -5.52
C ARG B 151 -15.21 13.75 -5.24
N ASP B 152 -15.94 12.88 -4.56
CA ASP B 152 -15.36 11.55 -4.26
C ASP B 152 -16.37 10.46 -4.61
N LEU B 153 -17.14 10.62 -5.73
CA LEU B 153 -18.06 9.52 -6.12
C LEU B 153 -17.23 8.25 -6.41
N LYS B 154 -17.63 7.12 -5.84
CA LYS B 154 -16.97 5.83 -6.13
C LYS B 154 -17.86 4.73 -5.56
N LEU B 155 -17.63 3.52 -6.02
CA LEU B 155 -18.45 2.38 -5.54
C LEU B 155 -18.38 2.18 -4.03
N GLU B 156 -17.22 2.42 -3.37
CA GLU B 156 -17.10 2.30 -1.87
C GLU B 156 -18.04 3.27 -1.10
N ASN B 157 -18.31 4.45 -1.65
CA ASN B 157 -19.16 5.50 -1.02
C ASN B 157 -20.63 5.43 -1.46
N LEU B 158 -21.07 4.40 -2.18
CA LEU B 158 -22.48 4.16 -2.61
C LEU B 158 -22.99 2.97 -1.84
N MET B 159 -23.72 3.19 -0.76
CA MET B 159 -24.26 2.04 0.01
C MET B 159 -25.74 1.80 -0.32
N LEU B 160 -26.27 0.63 0.05
CA LEU B 160 -27.70 0.31 -0.15
C LEU B 160 -28.38 0.32 1.21
N ASP B 161 -29.60 0.84 1.29
CA ASP B 161 -30.35 0.69 2.56
C ASP B 161 -31.08 -0.67 2.58
N LYS B 162 -31.87 -0.92 3.62
CA LYS B 162 -32.54 -2.27 3.78
C LYS B 162 -33.46 -2.54 2.57
N ASP B 163 -33.95 -1.49 1.88
CA ASP B 163 -34.90 -1.72 0.76
C ASP B 163 -34.12 -1.81 -0.56
N GLY B 164 -32.83 -1.52 -0.57
CA GLY B 164 -32.04 -1.53 -1.81
C GLY B 164 -31.98 -0.16 -2.51
N HIS B 165 -32.33 0.93 -1.81
CA HIS B 165 -32.11 2.32 -2.29
C HIS B 165 -30.68 2.78 -1.97
N ILE B 166 -30.09 3.61 -2.85
CA ILE B 166 -28.74 4.22 -2.71
C ILE B 166 -28.71 5.09 -1.46
N LYS B 167 -27.61 5.03 -0.70
CA LYS B 167 -27.26 6.01 0.33
C LYS B 167 -25.81 6.40 0.07
N ILE B 168 -25.55 7.65 -0.35
CA ILE B 168 -24.18 8.19 -0.52
C ILE B 168 -23.61 8.43 0.88
N THR B 169 -22.39 7.96 1.15
CA THR B 169 -21.67 8.20 2.42
C THR B 169 -20.38 8.99 2.11
N ASP B 170 -19.67 9.45 3.17
CA ASP B 170 -18.30 10.04 3.16
C ASP B 170 -18.39 11.43 2.50
N PHE B 171 -18.60 12.50 3.31
CA PHE B 171 -18.73 13.86 2.79
C PHE B 171 -17.51 14.71 3.10
N GLY B 172 -16.39 14.12 3.56
CA GLY B 172 -15.18 14.85 3.97
C GLY B 172 -14.47 15.59 2.84
N LEU B 173 -14.65 15.19 1.59
CA LEU B 173 -13.99 15.80 0.45
C LEU B 173 -14.90 16.84 -0.22
N CYS B 174 -16.10 17.07 0.27
CA CYS B 174 -17.02 18.03 -0.38
C CYS B 174 -16.45 19.44 -0.34
N LYS B 175 -16.91 20.25 -1.25
CA LYS B 175 -16.55 21.67 -1.30
C LYS B 175 -17.88 22.40 -1.27
N GLU B 176 -17.98 23.35 -0.35
CA GLU B 176 -19.18 24.20 -0.14
C GLU B 176 -19.05 25.51 -0.93
N GLY B 177 -20.16 26.17 -1.13
CA GLY B 177 -20.12 27.52 -1.70
C GLY B 177 -19.80 27.53 -3.18
N ILE B 178 -20.04 26.43 -3.90
CA ILE B 178 -19.75 26.40 -5.36
C ILE B 178 -21.04 26.56 -6.13
N LYS B 179 -21.14 27.69 -6.80
CA LYS B 179 -22.38 28.16 -7.44
C LYS B 179 -22.07 28.36 -8.92
N ASP B 180 -22.99 27.95 -9.78
CA ASP B 180 -22.86 28.12 -11.25
C ASP B 180 -21.46 27.59 -11.60
N GLY B 181 -20.64 28.35 -12.32
CA GLY B 181 -19.33 27.91 -12.84
C GLY B 181 -18.15 28.27 -11.94
N ALA B 182 -18.37 28.55 -10.64
CA ALA B 182 -17.31 28.80 -9.62
C ALA B 182 -16.29 27.64 -9.61
N THR B 183 -15.02 27.90 -9.38
CA THR B 183 -13.98 26.89 -9.58
C THR B 183 -13.27 26.54 -8.28
N MET B 184 -12.53 25.42 -8.33
CA MET B 184 -11.82 24.76 -7.20
C MET B 184 -10.38 24.43 -7.61
N LYS B 185 -9.50 24.31 -6.63
CA LYS B 185 -8.06 24.11 -6.90
CA LYS B 185 -8.03 24.17 -6.79
C LYS B 185 -7.53 22.86 -6.20
N TPO B 186 -8.23 22.29 -5.23
CA TPO B 186 -7.59 21.25 -4.44
CB TPO B 186 -8.34 21.03 -3.13
CG2 TPO B 186 -7.63 20.09 -2.18
OG1 TPO B 186 -8.43 22.30 -2.45
P TPO B 186 -9.96 22.83 -2.13
O1P TPO B 186 -10.70 21.84 -1.19
O2P TPO B 186 -10.66 23.04 -3.44
O3P TPO B 186 -9.67 24.16 -1.42
C TPO B 186 -7.44 19.96 -5.25
O TPO B 186 -8.39 19.44 -5.84
N PHE B 187 -6.25 19.38 -5.19
CA PHE B 187 -6.01 18.04 -5.71
C PHE B 187 -6.49 17.01 -4.68
N CYS B 188 -7.64 16.39 -4.96
CA CYS B 188 -8.28 15.47 -4.00
C CYS B 188 -9.26 14.59 -4.76
N GLY B 189 -9.57 13.45 -4.14
CA GLY B 189 -10.48 12.44 -4.67
C GLY B 189 -9.88 11.08 -4.50
N THR B 190 -10.20 10.16 -5.39
CA THR B 190 -9.72 8.75 -5.34
C THR B 190 -9.02 8.57 -6.68
N PRO B 191 -7.73 8.15 -6.80
CA PRO B 191 -7.02 8.20 -8.07
C PRO B 191 -7.72 7.63 -9.33
N GLU B 192 -8.34 6.48 -9.19
CA GLU B 192 -9.00 5.81 -10.33
C GLU B 192 -10.23 6.56 -10.84
N TYR B 193 -10.79 7.48 -10.08
CA TYR B 193 -12.01 8.26 -10.41
C TYR B 193 -11.68 9.74 -10.68
N LEU B 194 -10.43 10.18 -10.70
CA LEU B 194 -10.14 11.62 -10.87
C LEU B 194 -10.52 12.06 -12.27
N ALA B 195 -11.22 13.20 -12.41
CA ALA B 195 -11.56 13.71 -13.72
C ALA B 195 -10.27 14.26 -14.36
N PRO B 196 -10.16 14.28 -15.69
CA PRO B 196 -9.01 14.84 -16.39
C PRO B 196 -8.67 16.27 -15.91
N GLU B 197 -9.69 17.11 -15.70
CA GLU B 197 -9.45 18.53 -15.31
C GLU B 197 -8.90 18.62 -13.89
N VAL B 198 -9.12 17.62 -13.02
CA VAL B 198 -8.45 17.65 -11.69
C VAL B 198 -6.95 17.36 -11.93
N LEU B 199 -6.64 16.44 -12.83
CA LEU B 199 -5.22 16.09 -13.10
C LEU B 199 -4.50 17.20 -13.91
N GLU B 200 -5.23 17.94 -14.72
CA GLU B 200 -4.68 19.11 -15.48
C GLU B 200 -4.20 20.20 -14.49
N ASP B 201 -4.77 20.28 -13.30
CA ASP B 201 -4.32 21.25 -12.26
C ASP B 201 -4.40 22.70 -12.78
N ASN B 202 -5.47 23.02 -13.51
CA ASN B 202 -5.72 24.33 -14.09
C ASN B 202 -7.12 24.80 -13.69
N ASP B 203 -7.59 24.37 -12.52
CA ASP B 203 -8.89 24.67 -11.84
C ASP B 203 -9.97 23.75 -12.42
N TYR B 204 -11.02 23.52 -11.65
CA TYR B 204 -12.13 22.66 -12.12
C TYR B 204 -13.42 23.10 -11.43
N GLY B 205 -14.54 22.57 -11.91
CA GLY B 205 -15.90 23.01 -11.53
C GLY B 205 -16.73 21.78 -11.16
N ARG B 206 -18.01 21.98 -10.88
CA ARG B 206 -18.95 20.97 -10.40
C ARG B 206 -19.06 19.75 -11.35
N ALA B 207 -18.69 19.88 -12.61
CA ALA B 207 -18.78 18.80 -13.60
C ALA B 207 -17.84 17.60 -13.27
N VAL B 208 -16.92 17.73 -12.31
CA VAL B 208 -16.10 16.57 -11.85
C VAL B 208 -17.06 15.50 -11.33
N ASP B 209 -18.16 15.88 -10.66
CA ASP B 209 -19.13 14.88 -10.16
C ASP B 209 -19.77 14.07 -11.29
N TRP B 210 -19.91 14.62 -12.50
CA TRP B 210 -20.55 13.89 -13.63
C TRP B 210 -19.51 12.96 -14.28
N TRP B 211 -18.23 13.34 -14.28
CA TRP B 211 -17.13 12.38 -14.60
C TRP B 211 -17.20 11.12 -13.70
N GLY B 212 -17.35 11.31 -12.38
CA GLY B 212 -17.42 10.25 -11.40
C GLY B 212 -18.62 9.38 -11.63
N LEU B 213 -19.78 9.99 -11.90
CA LEU B 213 -20.97 9.21 -12.27
C LEU B 213 -20.64 8.37 -13.49
N GLY B 214 -19.98 8.96 -14.47
CA GLY B 214 -19.54 8.22 -15.66
C GLY B 214 -18.69 6.99 -15.32
N VAL B 215 -17.75 7.13 -14.38
CA VAL B 215 -16.86 6.01 -13.94
C VAL B 215 -17.68 4.93 -13.24
N VAL B 216 -18.52 5.30 -12.27
CA VAL B 216 -19.35 4.32 -11.51
C VAL B 216 -20.32 3.60 -12.44
N MET B 217 -20.93 4.31 -13.38
CA MET B 217 -21.86 3.65 -14.32
C MET B 217 -21.13 2.76 -15.33
N TYR B 218 -19.95 3.17 -15.76
CA TYR B 218 -19.09 2.31 -16.60
C TYR B 218 -18.71 1.01 -15.84
N GLU B 219 -18.30 1.13 -14.59
CA GLU B 219 -18.02 -0.04 -13.69
C GLU B 219 -19.27 -0.91 -13.55
N MET B 220 -20.42 -0.30 -13.37
CA MET B 220 -21.66 -1.07 -13.15
C MET B 220 -22.04 -1.85 -14.43
N MET B 221 -21.91 -1.27 -15.61
CA MET B 221 -22.46 -1.87 -16.85
C MET B 221 -21.36 -2.65 -17.61
N CYS B 222 -20.07 -2.38 -17.40
CA CYS B 222 -18.95 -3.01 -18.14
C CYS B 222 -18.12 -3.93 -17.23
N GLY B 223 -18.26 -3.84 -15.92
CA GLY B 223 -17.58 -4.70 -14.94
C GLY B 223 -16.09 -4.42 -14.85
N ARG B 224 -15.61 -3.23 -15.25
CA ARG B 224 -14.25 -2.82 -14.86
C ARG B 224 -14.21 -1.30 -14.91
N LEU B 225 -13.11 -0.73 -14.54
CA LEU B 225 -12.89 0.72 -14.66
C LEU B 225 -12.58 1.03 -16.11
N PRO B 226 -12.94 2.23 -16.58
CA PRO B 226 -12.61 2.61 -17.94
C PRO B 226 -11.10 2.84 -18.11
N PHE B 227 -10.41 3.34 -17.09
CA PHE B 227 -8.91 3.48 -17.13
C PHE B 227 -8.30 2.79 -15.93
N TYR B 228 -7.33 1.88 -16.13
CA TYR B 228 -6.71 1.22 -14.95
C TYR B 228 -5.24 0.79 -15.14
N ASN B 229 -4.41 1.13 -14.15
CA ASN B 229 -3.02 0.60 -13.95
C ASN B 229 -2.86 0.58 -12.46
N GLN B 230 -2.11 -0.38 -11.95
CA GLN B 230 -1.74 -0.43 -10.53
C GLN B 230 -1.00 0.87 -10.18
N ASP B 231 -0.19 1.38 -11.08
CA ASP B 231 0.67 2.54 -10.80
C ASP B 231 -0.14 3.81 -11.11
N HIS B 232 -0.36 4.65 -10.12
CA HIS B 232 -1.13 5.92 -10.23
C HIS B 232 -0.56 6.79 -11.32
N GLU B 233 0.76 6.86 -11.47
CA GLU B 233 1.31 7.76 -12.49
C GLU B 233 0.90 7.27 -13.88
N LYS B 234 0.87 5.96 -14.09
CA LYS B 234 0.44 5.40 -15.42
C LYS B 234 -1.08 5.63 -15.58
N LEU B 235 -1.82 5.43 -14.51
CA LEU B 235 -3.30 5.55 -14.50
C LEU B 235 -3.64 6.98 -14.88
N PHE B 236 -2.91 7.97 -14.37
CA PHE B 236 -3.11 9.42 -14.71
C PHE B 236 -2.88 9.68 -16.17
N GLU B 237 -1.89 9.04 -16.78
CA GLU B 237 -1.60 9.30 -18.20
C GLU B 237 -2.80 8.73 -18.98
N LEU B 238 -3.29 7.57 -18.57
CA LEU B 238 -4.43 6.95 -19.29
C LEU B 238 -5.60 7.95 -19.19
N ILE B 239 -5.89 8.42 -17.98
CA ILE B 239 -7.09 9.29 -17.83
C ILE B 239 -6.99 10.49 -18.78
N LEU B 240 -5.82 11.10 -18.90
CA LEU B 240 -5.66 12.31 -19.72
C LEU B 240 -5.58 12.00 -21.19
N MET B 241 -4.96 10.87 -21.58
CA MET B 241 -4.51 10.66 -22.98
CA MET B 241 -4.46 10.62 -22.97
C MET B 241 -5.30 9.56 -23.72
N GLU B 242 -5.87 8.59 -23.02
CA GLU B 242 -6.43 7.40 -23.67
C GLU B 242 -7.88 7.65 -24.06
N GLU B 243 -8.21 7.38 -25.32
CA GLU B 243 -9.59 7.47 -25.81
C GLU B 243 -10.44 6.39 -25.13
N ILE B 244 -11.57 6.79 -24.61
CA ILE B 244 -12.46 5.83 -23.91
C ILE B 244 -12.89 4.74 -24.92
N ARG B 245 -12.92 3.48 -24.49
CA ARG B 245 -13.61 2.41 -25.26
C ARG B 245 -14.67 1.69 -24.45
N PHE B 246 -15.60 1.09 -25.17
CA PHE B 246 -16.79 0.43 -24.63
C PHE B 246 -16.84 -1.01 -25.09
N PRO B 247 -17.07 -1.95 -24.19
CA PRO B 247 -17.38 -3.33 -24.54
C PRO B 247 -18.65 -3.45 -25.40
N ARG B 248 -18.63 -4.39 -26.33
CA ARG B 248 -19.67 -4.53 -27.37
C ARG B 248 -20.99 -4.99 -26.76
N THR B 249 -20.99 -5.36 -25.47
CA THR B 249 -22.23 -5.72 -24.76
C THR B 249 -23.13 -4.48 -24.55
N LEU B 250 -22.60 -3.27 -24.65
CA LEU B 250 -23.31 -2.03 -24.20
C LEU B 250 -24.32 -1.65 -25.30
N GLY B 251 -25.57 -1.47 -24.96
CA GLY B 251 -26.56 -0.92 -25.91
C GLY B 251 -26.27 0.54 -26.28
N PRO B 252 -26.86 1.04 -27.38
CA PRO B 252 -26.57 2.39 -27.88
C PRO B 252 -26.88 3.55 -26.91
N GLU B 253 -27.91 3.43 -26.09
CA GLU B 253 -28.26 4.55 -25.18
C GLU B 253 -27.23 4.57 -24.02
N ALA B 254 -26.83 3.41 -23.53
CA ALA B 254 -25.87 3.28 -22.43
C ALA B 254 -24.52 3.78 -22.93
N LYS B 255 -24.19 3.46 -24.17
CA LYS B 255 -22.93 3.96 -24.78
C LYS B 255 -22.96 5.48 -24.90
N SER B 256 -24.07 6.02 -25.36
CA SER B 256 -24.19 7.48 -25.56
C SER B 256 -24.04 8.16 -24.20
N LEU B 257 -24.71 7.61 -23.17
CA LEU B 257 -24.62 8.21 -21.82
C LEU B 257 -23.14 8.18 -21.33
N LEU B 258 -22.50 7.02 -21.36
CA LEU B 258 -21.10 6.91 -20.84
C LEU B 258 -20.17 7.79 -21.67
N SER B 259 -20.32 7.83 -23.02
CA SER B 259 -19.50 8.71 -23.88
C SER B 259 -19.69 10.16 -23.49
N GLY B 260 -20.92 10.55 -23.20
CA GLY B 260 -21.11 11.96 -22.79
C GLY B 260 -20.55 12.20 -21.40
N LEU B 261 -20.72 11.28 -20.44
CA LEU B 261 -20.29 11.53 -19.05
C LEU B 261 -18.73 11.53 -18.98
N LEU B 262 -18.06 10.81 -19.89
CA LEU B 262 -16.59 10.60 -19.83
C LEU B 262 -15.91 11.42 -20.94
N LYS B 263 -16.52 12.51 -21.42
CA LYS B 263 -15.77 13.56 -22.18
C LYS B 263 -14.65 14.14 -21.31
N LYS B 264 -13.43 14.20 -21.80
CA LYS B 264 -12.31 14.73 -21.00
C LYS B 264 -12.45 16.24 -20.78
N ASP B 265 -12.97 16.96 -21.75
CA ASP B 265 -13.16 18.44 -21.65
C ASP B 265 -14.45 18.63 -20.91
N PRO B 266 -14.46 19.12 -19.67
CA PRO B 266 -15.71 19.32 -18.98
C PRO B 266 -16.77 20.18 -19.70
N LYS B 267 -16.35 21.06 -20.57
CA LYS B 267 -17.29 21.90 -21.36
C LYS B 267 -18.03 21.06 -22.41
N GLN B 268 -17.53 19.89 -22.81
CA GLN B 268 -18.25 19.02 -23.77
C GLN B 268 -18.96 17.93 -23.00
N ARG B 269 -18.76 17.87 -21.71
CA ARG B 269 -19.30 16.75 -20.88
C ARG B 269 -20.79 16.96 -20.62
N LEU B 270 -21.54 15.88 -20.75
CA LEU B 270 -22.95 15.79 -20.36
C LEU B 270 -23.10 16.22 -18.89
N GLY B 271 -23.84 17.29 -18.68
CA GLY B 271 -23.99 17.90 -17.33
C GLY B 271 -22.93 18.97 -17.08
N GLY B 272 -22.07 19.26 -18.04
CA GLY B 272 -20.99 20.24 -17.88
C GLY B 272 -21.43 21.65 -18.24
N GLY B 273 -22.65 21.84 -18.75
CA GLY B 273 -23.15 23.19 -19.09
C GLY B 273 -23.84 23.90 -17.92
N SER B 274 -24.53 24.99 -18.21
CA SER B 274 -25.25 25.81 -17.20
C SER B 274 -26.45 25.02 -16.65
N GLU B 275 -26.98 24.09 -17.41
CA GLU B 275 -28.17 23.26 -17.01
C GLU B 275 -27.75 22.16 -16.01
N ASP B 276 -26.47 21.82 -15.92
CA ASP B 276 -25.98 20.86 -14.92
C ASP B 276 -26.74 19.51 -15.07
N ALA B 277 -27.31 18.97 -14.00
CA ALA B 277 -28.01 17.67 -13.98
C ALA B 277 -29.19 17.58 -14.96
N LYS B 278 -29.83 18.68 -15.40
CA LYS B 278 -31.01 18.60 -16.29
C LYS B 278 -30.58 17.93 -17.61
N GLU B 279 -29.38 18.24 -18.07
CA GLU B 279 -28.87 17.68 -19.35
C GLU B 279 -28.74 16.14 -19.27
N ILE B 280 -28.31 15.67 -18.11
CA ILE B 280 -28.28 14.20 -17.81
C ILE B 280 -29.67 13.57 -17.67
N MET B 281 -30.52 14.22 -16.89
CA MET B 281 -31.89 13.76 -16.62
C MET B 281 -32.70 13.59 -17.92
N GLN B 282 -32.36 14.37 -18.93
CA GLN B 282 -33.06 14.43 -20.24
C GLN B 282 -32.40 13.52 -21.25
N HIS B 283 -31.29 12.86 -20.93
CA HIS B 283 -30.67 11.90 -21.89
C HIS B 283 -31.57 10.71 -22.16
N ARG B 284 -31.49 10.18 -23.36
CA ARG B 284 -32.41 9.06 -23.73
CA ARG B 284 -32.36 9.02 -23.79
C ARG B 284 -32.15 7.77 -22.92
N PHE B 285 -31.01 7.63 -22.28
CA PHE B 285 -30.75 6.44 -21.42
C PHE B 285 -31.75 6.42 -20.25
N PHE B 286 -32.17 7.61 -19.80
CA PHE B 286 -33.14 7.70 -18.71
C PHE B 286 -34.55 7.98 -19.30
N ALA B 287 -34.83 7.75 -20.58
CA ALA B 287 -36.21 8.02 -21.12
C ALA B 287 -37.28 7.34 -20.23
N GLY B 288 -38.40 7.99 -19.94
CA GLY B 288 -39.45 7.27 -19.18
C GLY B 288 -39.22 7.32 -17.67
N ILE B 289 -38.04 7.74 -17.21
CA ILE B 289 -37.82 7.89 -15.77
C ILE B 289 -38.59 9.15 -15.37
N VAL B 290 -39.39 9.06 -14.31
CA VAL B 290 -40.11 10.21 -13.69
C VAL B 290 -39.29 10.68 -12.50
N TRP B 291 -38.59 11.78 -12.68
CA TRP B 291 -37.57 12.18 -11.67
C TRP B 291 -38.21 12.47 -10.32
N GLN B 292 -39.43 13.02 -10.28
CA GLN B 292 -40.14 13.18 -9.01
C GLN B 292 -40.38 11.82 -8.31
N HIS B 293 -40.71 10.79 -9.07
CA HIS B 293 -41.01 9.46 -8.55
C HIS B 293 -39.69 8.80 -8.05
N VAL B 294 -38.54 9.09 -8.64
CA VAL B 294 -37.24 8.61 -8.07
C VAL B 294 -37.06 9.23 -6.69
N TYR B 295 -37.23 10.53 -6.62
CA TYR B 295 -37.08 11.28 -5.35
C TYR B 295 -38.03 10.67 -4.30
N GLU B 296 -39.25 10.33 -4.71
CA GLU B 296 -40.29 9.83 -3.77
C GLU B 296 -40.11 8.32 -3.52
N LYS B 297 -39.10 7.65 -4.13
CA LYS B 297 -38.83 6.20 -3.91
C LYS B 297 -40.06 5.39 -4.39
N LYS B 298 -40.68 5.80 -5.49
CA LYS B 298 -41.78 5.05 -6.10
C LYS B 298 -41.22 3.93 -6.97
N LEU B 299 -39.95 3.98 -7.35
CA LEU B 299 -39.39 2.96 -8.28
C LEU B 299 -39.02 1.71 -7.47
N SER B 300 -39.47 0.53 -7.84
CA SER B 300 -39.20 -0.73 -7.08
C SER B 300 -37.72 -1.10 -7.19
N PRO B 301 -36.92 -1.25 -6.11
CA PRO B 301 -35.51 -1.58 -6.32
C PRO B 301 -35.35 -2.90 -7.04
N PRO B 302 -34.37 -3.05 -7.96
CA PRO B 302 -34.15 -4.34 -8.63
C PRO B 302 -33.54 -5.37 -7.68
N PHE B 303 -32.80 -4.97 -6.67
CA PHE B 303 -32.22 -5.91 -5.69
C PHE B 303 -32.65 -5.50 -4.29
N LYS B 304 -33.20 -6.44 -3.51
CA LYS B 304 -33.50 -6.16 -2.08
C LYS B 304 -32.53 -6.93 -1.22
N PRO B 305 -31.70 -6.26 -0.39
CA PRO B 305 -30.74 -6.95 0.46
C PRO B 305 -31.45 -8.02 1.31
N GLN B 306 -30.95 -9.26 1.25
CA GLN B 306 -31.63 -10.42 1.91
C GLN B 306 -31.14 -10.49 3.35
N VAL B 307 -31.54 -9.54 4.18
CA VAL B 307 -31.01 -9.44 5.58
C VAL B 307 -32.09 -10.03 6.48
N THR B 308 -31.73 -10.98 7.35
CA THR B 308 -32.67 -11.59 8.34
C THR B 308 -32.92 -10.60 9.50
N SER B 309 -31.96 -10.51 10.42
CA SER B 309 -32.03 -9.59 11.59
C SER B 309 -31.66 -8.17 11.14
N GLU B 310 -31.62 -7.22 12.07
CA GLU B 310 -31.06 -5.85 11.82
C GLU B 310 -29.55 -5.88 12.09
N THR B 311 -29.10 -6.87 12.83
CA THR B 311 -27.68 -7.14 13.12
C THR B 311 -27.07 -8.06 12.04
N ASP B 312 -27.82 -8.42 11.00
CA ASP B 312 -27.29 -9.28 9.91
C ASP B 312 -26.35 -8.43 9.05
N THR B 313 -25.06 -8.75 9.05
CA THR B 313 -23.97 -8.04 8.36
C THR B 313 -23.36 -8.87 7.23
N ARG B 314 -24.13 -9.74 6.60
CA ARG B 314 -23.63 -10.48 5.41
C ARG B 314 -23.15 -9.54 4.28
N TYR B 315 -23.57 -8.26 4.19
CA TYR B 315 -23.12 -7.42 3.03
C TYR B 315 -21.90 -6.56 3.40
N PHE B 316 -21.26 -6.90 4.51
CA PHE B 316 -20.05 -6.23 5.03
C PHE B 316 -18.94 -7.27 5.10
N ASP B 317 -17.75 -6.88 4.68
CA ASP B 317 -16.50 -7.67 4.71
C ASP B 317 -16.32 -8.39 6.07
N GLU B 318 -16.15 -9.72 6.00
CA GLU B 318 -15.77 -10.67 7.08
C GLU B 318 -14.58 -10.14 7.91
N GLU B 319 -13.53 -9.59 7.30
CA GLU B 319 -12.28 -9.18 8.01
C GLU B 319 -12.65 -8.25 9.20
N PHE B 320 -13.49 -7.25 8.96
CA PHE B 320 -13.93 -6.26 9.97
C PHE B 320 -15.03 -6.89 10.83
N THR B 321 -16.06 -7.47 10.19
CA THR B 321 -17.28 -8.00 10.86
C THR B 321 -16.88 -9.05 11.93
N ALA B 322 -15.79 -9.78 11.73
CA ALA B 322 -15.32 -10.89 12.62
C ALA B 322 -14.65 -10.37 13.91
N GLN B 323 -14.15 -9.13 13.95
CA GLN B 323 -13.40 -8.58 15.10
C GLN B 323 -14.34 -8.31 16.28
N MET B 324 -13.77 -8.14 17.48
CA MET B 324 -14.56 -8.03 18.72
C MET B 324 -14.24 -6.69 19.44
N ILE B 325 -15.19 -6.24 20.27
CA ILE B 325 -15.47 -4.87 20.83
C ILE B 325 -16.79 -4.38 20.21
N THR B 326 -17.95 -4.41 20.92
CA THR B 326 -18.30 -4.85 22.28
C THR B 326 -17.98 -3.79 23.35
N ILE B 327 -18.99 -3.50 24.21
CA ILE B 327 -19.01 -2.39 25.21
C ILE B 327 -17.62 -2.21 25.81
N GLU B 342 -3.83 21.12 22.54
CA GLU B 342 -3.28 21.16 21.16
C GLU B 342 -3.53 19.81 20.47
N ARG B 343 -3.19 18.70 21.13
CA ARG B 343 -3.35 17.31 20.62
C ARG B 343 -4.82 16.86 20.69
N ARG B 344 -5.59 17.30 21.70
CA ARG B 344 -7.03 16.96 21.92
C ARG B 344 -7.86 18.23 22.08
N PRO B 345 -8.02 19.05 21.02
CA PRO B 345 -8.83 20.27 21.12
C PRO B 345 -10.35 20.04 21.21
N HIS B 346 -11.06 21.06 21.70
CA HIS B 346 -12.54 21.05 21.75
C HIS B 346 -13.02 21.59 20.40
N PHE B 347 -13.80 20.84 19.65
CA PHE B 347 -14.27 21.29 18.31
C PHE B 347 -15.49 22.16 18.55
N PRO B 348 -15.34 23.49 18.49
CA PRO B 348 -16.41 24.35 18.95
C PRO B 348 -17.70 24.12 18.18
N GLN B 349 -18.76 23.79 18.90
CA GLN B 349 -20.14 23.67 18.37
C GLN B 349 -20.21 22.52 17.36
N PHE B 350 -19.41 21.49 17.56
CA PHE B 350 -19.45 20.25 16.73
C PHE B 350 -20.83 19.61 16.80
N SEP B 351 -21.44 19.53 18.00
CA SEP B 351 -22.51 18.58 18.28
CB SEP B 351 -22.68 18.29 19.77
OG SEP B 351 -22.21 19.37 20.52
C SEP B 351 -23.82 19.02 17.63
O SEP B 351 -24.00 20.16 17.24
P SEP B 351 -21.00 19.22 21.62
O1P SEP B 351 -21.75 19.83 22.83
O2P SEP B 351 -19.89 20.13 20.99
O3P SEP B 351 -20.50 17.78 21.86
N TYR B 352 -24.71 18.05 17.47
CA TYR B 352 -25.92 18.23 16.69
C TYR B 352 -26.88 17.08 17.01
N SER B 353 -28.16 17.37 17.02
CA SER B 353 -29.19 16.31 17.07
C SER B 353 -30.25 16.66 16.08
N ALA B 354 -30.61 15.71 15.25
CA ALA B 354 -31.61 15.92 14.18
C ALA B 354 -32.98 16.09 14.81
N SEP B 355 -33.82 16.92 14.19
CA SEP B 355 -35.16 17.24 14.68
CB SEP B 355 -35.72 18.40 13.86
OG SEP B 355 -35.77 17.95 12.47
C SEP B 355 -36.10 16.01 14.63
O SEP B 355 -37.33 16.14 14.77
P SEP B 355 -35.29 18.94 11.21
O1P SEP B 355 -34.15 19.86 11.66
O2P SEP B 355 -36.53 19.74 10.84
O3P SEP B 355 -34.84 17.98 10.10
N GLY C 1 28.42 -23.98 -8.74
CA GLY C 1 28.18 -23.19 -7.51
C GLY C 1 29.38 -22.32 -7.31
N ARG C 2 29.21 -21.00 -7.35
CA ARG C 2 30.35 -20.11 -7.08
C ARG C 2 30.71 -20.18 -5.59
N PRO C 3 31.95 -19.81 -5.24
CA PRO C 3 32.31 -19.78 -3.83
C PRO C 3 31.57 -18.61 -3.14
N ARG C 4 31.37 -18.72 -1.82
CA ARG C 4 30.77 -17.64 -1.01
C ARG C 4 31.66 -16.40 -1.06
N THR C 5 31.08 -15.20 -1.09
CA THR C 5 31.76 -13.91 -1.26
C THR C 5 31.61 -13.12 0.05
N THR C 6 32.46 -12.13 0.23
CA THR C 6 32.40 -11.18 1.37
C THR C 6 32.33 -9.77 0.81
N ZXW C 7 31.61 -8.92 1.50
CA ZXW C 7 31.64 -7.52 1.11
CB ZXW C 7 30.41 -6.77 1.63
O2A ZXW C 7 27.55 -12.87 6.35
PA ZXW C 7 28.66 -13.35 7.25
O1A ZXW C 7 29.62 -14.18 6.47
O3A ZXW C 7 29.71 -12.25 7.70
PB ZXW C 7 29.36 -10.74 7.61
O1B ZXW C 7 30.31 -10.02 8.49
O2B ZXW C 7 27.91 -10.46 7.95
O3B ZXW C 7 29.30 -10.64 5.95
PG ZXW C 7 29.97 -9.48 5.15
O1G ZXW C 7 30.78 -9.55 3.85
O3G ZXW C 7 31.19 -9.42 6.05
S2G ZXW C 7 28.79 -7.79 5.45
C32 ZXW C 7 30.16 -6.63 5.41
C33 ZXW C 7 30.72 -6.35 4.02
O35 ZXW C 7 31.51 -5.43 3.85
N34 ZXW C 7 30.21 -7.07 3.03
O5' ZXW C 7 28.02 -13.91 8.70
C5' ZXW C 7 26.73 -13.68 9.32
C4' ZXW C 7 26.02 -15.05 9.47
O4' ZXW C 7 24.81 -15.00 10.26
C1' ZXW C 7 23.71 -15.47 9.53
C2' ZXW C 7 24.19 -15.38 8.08
O2' ZXW C 7 23.56 -16.28 7.28
C3' ZXW C 7 25.62 -15.75 8.16
O3' ZXW C 7 25.73 -17.20 8.24
N9 ZXW C 7 22.62 -14.56 9.77
C8 ZXW C 7 22.69 -13.22 9.67
N7 ZXW C 7 21.47 -12.68 9.96
C5 ZXW C 7 20.64 -13.65 10.23
C6 ZXW C 7 19.23 -13.72 10.55
N6 ZXW C 7 18.55 -12.58 10.70
N1 ZXW C 7 18.64 -14.92 10.72
C2 ZXW C 7 19.45 -16.04 10.59
N3 ZXW C 7 20.77 -16.09 10.30
C4 ZXW C 7 21.39 -14.92 10.09
C ZXW C 7 32.96 -6.86 1.53
O ZXW C 7 33.61 -7.28 2.45
N PHE C 8 33.15 -5.63 1.06
CA PHE C 8 34.27 -4.80 1.48
C PHE C 8 33.81 -3.33 1.49
N ALA C 9 34.59 -2.46 2.12
CA ALA C 9 34.36 -1.01 2.10
C ALA C 9 35.70 -0.32 2.23
N GLU C 10 35.98 0.55 1.28
CA GLU C 10 37.16 1.43 1.26
C GLU C 10 36.66 2.84 1.60
N GLY D 1 -13.35 -8.04 -8.60
CA GLY D 1 -12.90 -7.35 -9.86
C GLY D 1 -11.63 -6.57 -9.66
N ARG D 2 -11.72 -5.56 -8.79
CA ARG D 2 -10.64 -4.56 -8.54
C ARG D 2 -10.46 -4.42 -7.05
N PRO D 3 -9.22 -4.12 -6.62
CA PRO D 3 -8.98 -3.89 -5.19
C PRO D 3 -9.74 -2.67 -4.65
N ARG D 4 -10.07 -2.67 -3.37
CA ARG D 4 -10.66 -1.48 -2.71
C ARG D 4 -9.69 -0.31 -2.82
N THR D 5 -10.26 0.90 -2.98
CA THR D 5 -9.45 2.15 -3.12
C THR D 5 -9.70 3.07 -1.92
N THR D 6 -8.85 4.07 -1.78
CA THR D 6 -8.94 5.09 -0.72
C THR D 6 -8.75 6.46 -1.35
N ZXW D 7 -9.47 7.44 -0.80
CA ZXW D 7 -9.32 8.84 -1.20
CB ZXW D 7 -10.54 9.65 -0.73
O2A ZXW D 7 -12.47 2.93 3.93
PA ZXW D 7 -13.51 3.58 4.76
O1A ZXW D 7 -14.58 4.48 4.07
O3A ZXW D 7 -12.55 4.46 5.63
PB ZXW D 7 -12.52 6.01 5.44
O1B ZXW D 7 -13.89 6.60 5.16
O2B ZXW D 7 -11.77 6.65 6.61
O3B ZXW D 7 -11.43 6.24 4.30
PG ZXW D 7 -11.81 6.81 2.83
O1G ZXW D 7 -12.92 5.99 2.15
O3G ZXW D 7 -10.46 6.68 2.09
S2G ZXW D 7 -12.51 8.82 2.73
C32 ZXW D 7 -10.92 9.54 3.05
C33 ZXW D 7 -10.32 9.96 1.73
O35 ZXW D 7 -9.51 10.88 1.73
N34 ZXW D 7 -10.80 9.32 0.65
O5' ZXW D 7 -14.18 2.65 5.91
C5' ZXW D 7 -15.43 3.05 6.48
C4' ZXW D 7 -16.24 1.77 6.67
O4' ZXW D 7 -17.50 2.07 7.26
C1' ZXW D 7 -18.62 1.70 6.53
C2' ZXW D 7 -18.02 1.67 5.14
O2' ZXW D 7 -18.60 0.76 4.25
C3' ZXW D 7 -16.64 1.15 5.37
O3' ZXW D 7 -16.68 -0.27 5.55
N9 ZXW D 7 -19.73 2.64 6.69
C8 ZXW D 7 -19.62 3.95 6.64
N7 ZXW D 7 -20.80 4.55 6.77
C5 ZXW D 7 -21.73 3.65 6.93
C6 ZXW D 7 -23.17 3.66 7.12
N6 ZXW D 7 -23.90 4.84 7.19
N1 ZXW D 7 -23.80 2.44 7.24
C2 ZXW D 7 -23.10 1.28 7.19
N3 ZXW D 7 -21.76 1.29 7.02
C4 ZXW D 7 -21.04 2.39 6.88
C ZXW D 7 -8.10 9.48 -0.58
O ZXW D 7 -7.35 8.93 0.16
N PHE D 8 -7.73 10.63 -1.17
CA PHE D 8 -6.58 11.40 -0.75
C PHE D 8 -6.94 12.87 -0.94
N ALA D 9 -6.15 13.76 -0.32
CA ALA D 9 -6.15 15.21 -0.57
C ALA D 9 -4.74 15.75 -0.27
N GLU D 10 -4.29 16.67 -1.11
CA GLU D 10 -3.04 17.45 -0.88
C GLU D 10 -3.36 18.93 -1.05
MN MN E . 35.80 -12.89 -4.85
C1 PGE F . 2.55 -1.31 -2.90
O1 PGE F . 3.57 -1.34 -3.87
C2 PGE F . 3.10 -1.39 -1.51
O2 PGE F . 2.12 -0.89 -0.61
C3 PGE F . 2.58 -0.89 0.75
C4 PGE F . 1.68 0.00 1.56
O4 PGE F . 1.26 -0.70 5.61
C6 PGE F . 1.65 0.59 5.20
C5 PGE F . 1.35 0.85 3.76
O3 PGE F . 2.09 -0.03 2.93
C1 PGE G . 33.08 -15.37 -17.84
O1 PGE G . 32.40 -14.17 -17.40
C2 PGE G . 33.01 -16.58 -16.88
O2 PGE G . 31.71 -17.14 -16.68
C3 PGE G . 31.66 -18.20 -15.70
C4 PGE G . 30.46 -18.00 -14.74
O4 PGE G . 30.17 -19.54 -10.73
C6 PGE G . 29.50 -18.42 -11.26
C5 PGE G . 30.33 -17.81 -12.33
O3 PGE G . 30.61 -18.67 -13.46
C1 GOL H . -13.27 13.23 -24.74
O1 GOL H . -13.71 12.33 -25.79
C2 GOL H . -12.90 14.64 -25.23
O2 GOL H . -13.59 15.75 -24.59
C3 GOL H . -11.40 14.85 -25.17
O3 GOL H . -10.67 13.62 -25.26
V VO4 I . -40.88 14.24 -20.60
O1 VO4 I . -41.16 12.66 -19.85
O2 VO4 I . -40.11 15.33 -19.43
O3 VO4 I . -39.82 14.04 -22.01
O4 VO4 I . -42.43 14.94 -21.11
MN MN J . -4.85 2.63 -6.32
MN MN K . 26.74 -11.19 5.99
MN MN L . -14.96 5.67 2.78
#